data_1WE9
#
_entry.id   1WE9
#
loop_
_entity.id
_entity.type
_entity.pdbx_description
1 polymer 'PHD finger family protein'
2 non-polymer 'ZINC ION'
#
_entity_poly.entity_id   1
_entity_poly.type   'polypeptide(L)'
_entity_poly.pdbx_seq_one_letter_code
;GSSGSSGQCGACGESYAADEFWICCDLCEMWFHGKCVKITPARAEHIKQYKCPSCSNKSGPSSG
;
_entity_poly.pdbx_strand_id   A
#
loop_
_chem_comp.id
_chem_comp.type
_chem_comp.name
_chem_comp.formula
ZN non-polymer 'ZINC ION' 'Zn 2'
#
# COMPACT_ATOMS: atom_id res chain seq x y z
N GLY A 1 -20.20 -1.92 -6.16
CA GLY A 1 -19.18 -1.68 -7.17
C GLY A 1 -19.65 -2.02 -8.57
N SER A 2 -20.06 -1.01 -9.32
CA SER A 2 -20.54 -1.20 -10.68
C SER A 2 -19.63 -0.51 -11.68
N SER A 3 -18.87 0.48 -11.20
CA SER A 3 -17.97 1.24 -12.06
C SER A 3 -16.88 0.32 -12.63
N GLY A 4 -16.66 0.42 -13.94
CA GLY A 4 -15.66 -0.40 -14.58
C GLY A 4 -14.26 -0.13 -14.05
N SER A 5 -13.59 0.86 -14.65
CA SER A 5 -12.23 1.21 -14.23
C SER A 5 -12.25 2.00 -12.94
N SER A 6 -11.36 1.65 -12.02
CA SER A 6 -11.28 2.32 -10.73
C SER A 6 -10.06 1.82 -9.94
N GLY A 7 -9.75 2.53 -8.85
CA GLY A 7 -8.62 2.15 -8.03
C GLY A 7 -8.74 0.73 -7.50
N GLN A 8 -7.62 0.02 -7.48
CA GLN A 8 -7.61 -1.36 -7.01
C GLN A 8 -6.32 -1.67 -6.24
N CYS A 9 -6.47 -2.14 -5.01
CA CYS A 9 -5.32 -2.46 -4.16
C CYS A 9 -4.41 -3.48 -4.86
N GLY A 10 -3.13 -3.15 -4.96
CA GLY A 10 -2.18 -4.05 -5.60
C GLY A 10 -2.17 -5.43 -4.96
N ALA A 11 -2.32 -5.47 -3.64
CA ALA A 11 -2.32 -6.73 -2.91
C ALA A 11 -3.44 -7.64 -3.40
N CYS A 12 -4.69 -7.19 -3.23
CA CYS A 12 -5.85 -7.96 -3.64
C CYS A 12 -6.58 -7.26 -4.80
N GLY A 13 -6.84 -5.96 -4.62
CA GLY A 13 -7.53 -5.20 -5.65
C GLY A 13 -8.99 -4.97 -5.32
N GLU A 14 -9.26 -4.57 -4.09
CA GLU A 14 -10.63 -4.31 -3.64
C GLU A 14 -11.13 -2.98 -4.18
N SER A 15 -12.39 -2.66 -3.89
CA SER A 15 -12.99 -1.42 -4.36
C SER A 15 -12.59 -0.26 -3.45
N TYR A 16 -12.55 0.95 -4.03
CA TYR A 16 -12.18 2.13 -3.28
C TYR A 16 -13.25 2.49 -2.26
N ALA A 17 -13.09 1.97 -1.04
CA ALA A 17 -14.03 2.22 0.04
C ALA A 17 -13.40 3.09 1.12
N ALA A 18 -14.15 4.07 1.60
CA ALA A 18 -13.66 4.98 2.64
C ALA A 18 -13.96 4.42 4.03
N ASP A 19 -13.57 3.17 4.25
CA ASP A 19 -13.78 2.51 5.53
C ASP A 19 -12.52 1.81 6.01
N GLU A 20 -12.01 0.90 5.18
CA GLU A 20 -10.80 0.15 5.52
C GLU A 20 -9.63 1.10 5.73
N PHE A 21 -8.55 0.57 6.31
CA PHE A 21 -7.36 1.37 6.59
C PHE A 21 -6.31 1.15 5.50
N TRP A 22 -6.09 2.19 4.69
CA TRP A 22 -5.12 2.11 3.61
C TRP A 22 -3.77 2.67 4.05
N ILE A 23 -2.70 2.19 3.43
CA ILE A 23 -1.36 2.64 3.75
C ILE A 23 -0.82 3.60 2.70
N CYS A 24 0.17 4.40 3.09
CA CYS A 24 0.77 5.36 2.18
C CYS A 24 2.25 5.06 1.95
N CYS A 25 2.63 4.89 0.69
CA CYS A 25 4.01 4.59 0.34
C CYS A 25 4.77 5.86 -0.02
N ASP A 26 6.09 5.80 0.02
CA ASP A 26 6.94 6.94 -0.31
C ASP A 26 7.58 6.76 -1.69
N LEU A 27 8.02 5.54 -1.97
CA LEU A 27 8.66 5.24 -3.25
C LEU A 27 7.67 5.40 -4.40
N CYS A 28 6.72 4.48 -4.49
CA CYS A 28 5.70 4.51 -5.53
C CYS A 28 4.48 5.30 -5.09
N GLU A 29 4.26 5.35 -3.79
CA GLU A 29 3.12 6.08 -3.23
C GLU A 29 1.82 5.55 -3.80
N MET A 30 1.67 4.23 -3.82
CA MET A 30 0.46 3.60 -4.35
C MET A 30 -0.59 3.45 -3.26
N TRP A 31 -1.70 2.80 -3.59
CA TRP A 31 -2.79 2.58 -2.65
C TRP A 31 -2.86 1.12 -2.22
N PHE A 32 -2.75 0.87 -0.92
CA PHE A 32 -2.81 -0.48 -0.39
C PHE A 32 -3.59 -0.52 0.93
N HIS A 33 -3.70 -1.71 1.50
CA HIS A 33 -4.42 -1.88 2.76
C HIS A 33 -3.47 -2.33 3.86
N GLY A 34 -3.60 -1.70 5.03
CA GLY A 34 -2.74 -2.04 6.15
C GLY A 34 -2.49 -3.53 6.26
N LYS A 35 -3.56 -4.30 6.49
CA LYS A 35 -3.45 -5.74 6.60
C LYS A 35 -2.77 -6.34 5.38
N CYS A 36 -3.01 -5.74 4.23
CA CYS A 36 -2.43 -6.21 2.97
C CYS A 36 -0.93 -5.95 2.94
N VAL A 37 -0.52 -4.82 3.52
CA VAL A 37 0.89 -4.46 3.55
C VAL A 37 1.56 -4.97 4.83
N LYS A 38 0.89 -5.89 5.52
CA LYS A 38 1.42 -6.45 6.74
C LYS A 38 1.55 -5.38 7.82
N ILE A 39 0.51 -4.56 7.98
CA ILE A 39 0.52 -3.50 8.98
C ILE A 39 -0.83 -3.38 9.65
N THR A 40 -0.83 -3.07 10.94
CA THR A 40 -2.05 -2.91 11.71
C THR A 40 -2.58 -1.48 11.63
N PRO A 41 -3.89 -1.33 11.78
CA PRO A 41 -4.55 -0.02 11.73
C PRO A 41 -4.21 0.84 12.94
N ALA A 42 -3.69 0.21 13.98
CA ALA A 42 -3.32 0.92 15.20
C ALA A 42 -1.84 1.33 15.17
N ARG A 43 -1.01 0.46 14.62
CA ARG A 43 0.42 0.73 14.53
C ARG A 43 0.70 1.87 13.55
N ALA A 44 -0.05 1.92 12.47
CA ALA A 44 0.11 2.96 11.46
C ALA A 44 0.43 4.31 12.11
N GLU A 45 -0.20 4.58 13.25
CA GLU A 45 0.02 5.82 13.97
C GLU A 45 1.51 6.08 14.18
N HIS A 46 2.23 5.05 14.62
CA HIS A 46 3.66 5.16 14.86
C HIS A 46 4.43 5.06 13.54
N ILE A 47 3.75 4.65 12.48
CA ILE A 47 4.37 4.51 11.18
C ILE A 47 4.16 5.76 10.33
N LYS A 48 5.23 6.22 9.68
CA LYS A 48 5.17 7.41 8.84
C LYS A 48 5.87 7.17 7.51
N GLN A 49 5.08 6.91 6.47
CA GLN A 49 5.62 6.66 5.14
C GLN A 49 6.32 5.30 5.07
N TYR A 50 5.58 4.26 5.45
CA TYR A 50 6.13 2.90 5.44
C TYR A 50 6.46 2.46 4.01
N LYS A 51 7.45 1.59 3.89
CA LYS A 51 7.86 1.08 2.58
C LYS A 51 6.98 -0.09 2.15
N CYS A 52 5.95 0.21 1.37
CA CYS A 52 5.03 -0.82 0.89
C CYS A 52 5.80 -2.07 0.44
N PRO A 53 5.11 -3.21 0.45
CA PRO A 53 5.71 -4.49 0.03
C PRO A 53 5.98 -4.55 -1.47
N SER A 54 5.32 -3.66 -2.21
CA SER A 54 5.49 -3.62 -3.65
C SER A 54 6.88 -3.13 -4.04
N CYS A 55 7.42 -2.22 -3.23
CA CYS A 55 8.75 -1.67 -3.48
C CYS A 55 9.81 -2.46 -2.72
N SER A 56 9.65 -2.54 -1.40
CA SER A 56 10.59 -3.26 -0.56
C SER A 56 11.12 -4.51 -1.27
N ASN A 57 10.24 -5.17 -2.03
CA ASN A 57 10.61 -6.37 -2.76
C ASN A 57 11.77 -6.09 -3.72
N LYS A 58 11.66 -4.99 -4.46
CA LYS A 58 12.69 -4.61 -5.42
C LYS A 58 14.08 -4.78 -4.81
N SER A 59 15.02 -5.25 -5.62
CA SER A 59 16.39 -5.46 -5.15
C SER A 59 16.43 -6.42 -3.98
N GLY A 60 15.59 -7.45 -4.03
CA GLY A 60 15.53 -8.43 -2.96
C GLY A 60 16.47 -9.59 -3.20
N PRO A 61 16.89 -10.26 -2.11
CA PRO A 61 17.80 -11.40 -2.18
C PRO A 61 17.14 -12.63 -2.80
N SER A 62 15.83 -12.73 -2.63
CA SER A 62 15.07 -13.85 -3.17
C SER A 62 14.54 -13.55 -4.57
N SER A 63 14.29 -12.27 -4.83
CA SER A 63 13.78 -11.84 -6.12
C SER A 63 14.16 -10.38 -6.41
N GLY A 64 14.94 -10.17 -7.45
CA GLY A 64 15.37 -8.83 -7.82
C GLY A 64 14.38 -8.14 -8.72
ZN ZN B . -5.66 -5.39 -0.62
ZN ZN C . 5.70 1.43 -2.91
N GLY A 1 -15.81 10.34 -16.18
CA GLY A 1 -16.78 9.44 -16.78
C GLY A 1 -16.18 8.13 -17.23
N SER A 2 -16.87 7.04 -16.95
CA SER A 2 -16.39 5.71 -17.33
C SER A 2 -14.96 5.50 -16.85
N SER A 3 -14.68 5.94 -15.63
CA SER A 3 -13.34 5.80 -15.06
C SER A 3 -13.36 4.86 -13.86
N GLY A 4 -14.30 5.09 -12.95
CA GLY A 4 -14.40 4.26 -11.76
C GLY A 4 -13.67 4.84 -10.57
N SER A 5 -13.07 3.98 -9.76
CA SER A 5 -12.33 4.42 -8.59
C SER A 5 -10.85 4.08 -8.71
N SER A 6 -10.05 5.07 -9.07
CA SER A 6 -8.62 4.87 -9.24
C SER A 6 -7.92 4.77 -7.88
N GLY A 7 -7.14 3.72 -7.70
CA GLY A 7 -6.43 3.52 -6.44
C GLY A 7 -6.53 2.09 -5.94
N GLN A 8 -6.39 1.14 -6.85
CA GLN A 8 -6.46 -0.28 -6.49
C GLN A 8 -5.21 -0.72 -5.75
N CYS A 9 -5.37 -1.64 -4.81
CA CYS A 9 -4.25 -2.15 -4.03
C CYS A 9 -3.56 -3.30 -4.77
N GLY A 10 -2.25 -3.16 -4.97
CA GLY A 10 -1.49 -4.19 -5.66
C GLY A 10 -1.45 -5.49 -4.89
N ALA A 11 -1.40 -5.39 -3.57
CA ALA A 11 -1.35 -6.57 -2.71
C ALA A 11 -2.53 -7.50 -3.00
N CYS A 12 -3.73 -6.94 -3.02
CA CYS A 12 -4.93 -7.72 -3.28
C CYS A 12 -5.83 -7.01 -4.31
N GLY A 13 -6.03 -5.72 -4.11
CA GLY A 13 -6.86 -4.95 -5.02
C GLY A 13 -8.33 -5.19 -4.79
N GLU A 14 -8.77 -5.09 -3.54
CA GLU A 14 -10.17 -5.30 -3.20
C GLU A 14 -11.04 -4.17 -3.73
N SER A 15 -12.32 -4.21 -3.41
CA SER A 15 -13.26 -3.19 -3.85
C SER A 15 -13.11 -1.91 -3.03
N TYR A 16 -13.47 -0.79 -3.63
CA TYR A 16 -13.37 0.50 -2.95
C TYR A 16 -14.03 0.45 -1.57
N ALA A 17 -13.29 0.87 -0.56
CA ALA A 17 -13.79 0.88 0.81
C ALA A 17 -13.41 2.17 1.53
N ALA A 18 -14.31 2.66 2.37
CA ALA A 18 -14.07 3.89 3.12
C ALA A 18 -13.44 3.57 4.48
N ASP A 19 -14.07 2.68 5.23
CA ASP A 19 -13.58 2.30 6.54
C ASP A 19 -12.18 1.68 6.44
N GLU A 20 -12.03 0.72 5.53
CA GLU A 20 -10.74 0.06 5.34
C GLU A 20 -9.59 1.04 5.48
N PHE A 21 -8.57 0.66 6.24
CA PHE A 21 -7.41 1.51 6.46
C PHE A 21 -6.35 1.27 5.39
N TRP A 22 -6.02 2.33 4.66
CA TRP A 22 -5.02 2.24 3.60
C TRP A 22 -3.66 2.71 4.09
N ILE A 23 -2.60 2.27 3.41
CA ILE A 23 -1.24 2.65 3.78
C ILE A 23 -0.70 3.71 2.84
N CYS A 24 0.37 4.37 3.26
CA CYS A 24 1.00 5.42 2.46
C CYS A 24 2.46 5.08 2.17
N CYS A 25 2.85 5.24 0.91
CA CYS A 25 4.21 4.95 0.49
C CYS A 25 4.89 6.19 -0.07
N ASP A 26 6.22 6.19 -0.07
CA ASP A 26 6.99 7.32 -0.58
C ASP A 26 7.56 7.01 -1.96
N LEU A 27 8.28 5.89 -2.06
CA LEU A 27 8.89 5.48 -3.31
C LEU A 27 7.86 5.50 -4.44
N CYS A 28 6.81 4.70 -4.29
CA CYS A 28 5.76 4.63 -5.31
C CYS A 28 4.55 5.47 -4.89
N GLU A 29 4.19 5.40 -3.61
CA GLU A 29 3.06 6.16 -3.10
C GLU A 29 1.75 5.62 -3.66
N MET A 30 1.56 4.30 -3.57
CA MET A 30 0.36 3.67 -4.07
C MET A 30 -0.70 3.57 -2.97
N TRP A 31 -1.82 2.93 -3.29
CA TRP A 31 -2.90 2.76 -2.32
C TRP A 31 -3.10 1.29 -1.97
N PHE A 32 -2.61 0.90 -0.79
CA PHE A 32 -2.73 -0.48 -0.34
C PHE A 32 -3.54 -0.55 0.95
N HIS A 33 -3.67 -1.77 1.49
CA HIS A 33 -4.42 -1.98 2.72
C HIS A 33 -3.47 -2.28 3.89
N GLY A 34 -3.70 -1.62 5.01
CA GLY A 34 -2.86 -1.83 6.18
C GLY A 34 -2.60 -3.30 6.45
N LYS A 35 -3.66 -4.10 6.40
CA LYS A 35 -3.53 -5.54 6.64
C LYS A 35 -2.65 -6.19 5.59
N CYS A 36 -2.80 -5.75 4.34
CA CYS A 36 -2.01 -6.30 3.24
C CYS A 36 -0.52 -6.08 3.47
N VAL A 37 -0.16 -4.86 3.87
CA VAL A 37 1.23 -4.52 4.13
C VAL A 37 1.68 -5.07 5.48
N LYS A 38 0.84 -5.88 6.10
CA LYS A 38 1.14 -6.46 7.40
C LYS A 38 1.30 -5.37 8.46
N ILE A 39 0.35 -4.46 8.52
CA ILE A 39 0.38 -3.38 9.49
C ILE A 39 -1.01 -3.11 10.06
N THR A 40 -1.10 -3.11 11.39
CA THR A 40 -2.37 -2.87 12.07
C THR A 40 -2.77 -1.41 11.97
N PRO A 41 -4.09 -1.15 12.07
CA PRO A 41 -4.64 0.21 11.99
C PRO A 41 -4.27 1.05 13.20
N ALA A 42 -3.76 0.40 14.24
CA ALA A 42 -3.37 1.08 15.46
C ALA A 42 -1.90 1.49 15.42
N ARG A 43 -1.05 0.56 15.01
CA ARG A 43 0.38 0.83 14.93
C ARG A 43 0.69 1.83 13.82
N ALA A 44 -0.01 1.71 12.70
CA ALA A 44 0.19 2.60 11.57
C ALA A 44 0.38 4.05 12.04
N GLU A 45 -0.36 4.43 13.07
CA GLU A 45 -0.27 5.78 13.61
C GLU A 45 1.19 6.18 13.83
N HIS A 46 1.97 5.26 14.39
CA HIS A 46 3.38 5.52 14.65
C HIS A 46 4.17 5.60 13.35
N ILE A 47 3.83 4.73 12.41
CA ILE A 47 4.51 4.70 11.12
C ILE A 47 4.23 5.97 10.32
N LYS A 48 5.28 6.52 9.72
CA LYS A 48 5.15 7.73 8.92
C LYS A 48 5.40 7.46 7.45
N GLN A 49 6.52 6.81 7.16
CA GLN A 49 6.88 6.47 5.79
C GLN A 49 7.33 5.02 5.68
N TYR A 50 6.36 4.13 5.49
CA TYR A 50 6.65 2.70 5.36
C TYR A 50 6.91 2.32 3.91
N LYS A 51 7.76 1.30 3.72
CA LYS A 51 8.09 0.84 2.38
C LYS A 51 7.16 -0.29 1.95
N CYS A 52 6.10 0.06 1.25
CA CYS A 52 5.13 -0.92 0.77
C CYS A 52 5.83 -2.20 0.30
N PRO A 53 5.11 -3.33 0.34
CA PRO A 53 5.64 -4.63 -0.07
C PRO A 53 5.87 -4.70 -1.58
N SER A 54 5.38 -3.70 -2.30
CA SER A 54 5.54 -3.66 -3.75
C SER A 54 6.89 -3.06 -4.14
N CYS A 55 7.43 -2.23 -3.26
CA CYS A 55 8.72 -1.59 -3.51
C CYS A 55 9.86 -2.41 -2.91
N SER A 56 9.74 -2.71 -1.62
CA SER A 56 10.76 -3.48 -0.92
C SER A 56 11.09 -4.76 -1.68
N ASN A 57 10.15 -5.22 -2.49
CA ASN A 57 10.33 -6.43 -3.27
C ASN A 57 11.50 -6.28 -4.24
N LYS A 58 11.42 -5.25 -5.09
CA LYS A 58 12.46 -4.99 -6.08
C LYS A 58 13.79 -4.67 -5.40
N SER A 59 14.88 -4.79 -6.14
CA SER A 59 16.21 -4.51 -5.60
C SER A 59 16.75 -3.20 -6.14
N GLY A 60 16.92 -3.13 -7.45
CA GLY A 60 17.43 -1.92 -8.07
C GLY A 60 17.63 -2.07 -9.57
N PRO A 61 18.89 -2.27 -9.98
CA PRO A 61 19.24 -2.43 -11.40
C PRO A 61 18.74 -3.75 -11.97
N SER A 62 17.50 -3.78 -12.41
CA SER A 62 16.91 -4.98 -12.98
C SER A 62 17.11 -5.03 -14.49
N SER A 63 16.73 -3.95 -15.17
CA SER A 63 16.86 -3.86 -16.62
C SER A 63 18.30 -4.14 -17.04
N GLY A 64 18.48 -5.10 -17.94
CA GLY A 64 19.81 -5.44 -18.41
C GLY A 64 20.68 -6.06 -17.33
ZN ZN B . -4.93 -4.93 -0.36
ZN ZN C . 5.73 1.64 -2.68
N GLY A 1 -2.12 3.02 -20.98
CA GLY A 1 -1.50 4.31 -21.14
C GLY A 1 -1.01 4.89 -19.81
N SER A 2 -1.02 6.21 -19.70
CA SER A 2 -0.58 6.88 -18.49
C SER A 2 -1.38 6.41 -17.28
N SER A 3 -0.78 6.50 -16.10
CA SER A 3 -1.45 6.09 -14.87
C SER A 3 -2.25 7.23 -14.28
N GLY A 4 -3.56 7.26 -14.57
CA GLY A 4 -4.42 8.30 -14.06
C GLY A 4 -4.73 8.12 -12.59
N SER A 5 -5.90 7.56 -12.30
CA SER A 5 -6.32 7.34 -10.92
C SER A 5 -7.59 6.50 -10.86
N SER A 6 -7.48 5.31 -10.27
CA SER A 6 -8.63 4.41 -10.16
C SER A 6 -8.85 3.99 -8.71
N GLY A 7 -7.78 3.53 -8.07
CA GLY A 7 -7.87 3.09 -6.69
C GLY A 7 -7.90 1.58 -6.55
N GLN A 8 -6.74 0.95 -6.73
CA GLN A 8 -6.64 -0.50 -6.63
C GLN A 8 -5.39 -0.91 -5.85
N CYS A 9 -5.61 -1.53 -4.70
CA CYS A 9 -4.49 -1.97 -3.86
C CYS A 9 -3.74 -3.13 -4.51
N GLY A 10 -2.58 -2.82 -5.08
CA GLY A 10 -1.79 -3.85 -5.73
C GLY A 10 -1.81 -5.16 -4.98
N ALA A 11 -1.83 -5.09 -3.66
CA ALA A 11 -1.87 -6.28 -2.83
C ALA A 11 -3.04 -7.19 -3.20
N CYS A 12 -4.24 -6.63 -3.11
CA CYS A 12 -5.45 -7.39 -3.44
C CYS A 12 -6.25 -6.70 -4.55
N GLY A 13 -6.41 -5.38 -4.41
CA GLY A 13 -7.15 -4.62 -5.41
C GLY A 13 -8.65 -4.73 -5.22
N GLU A 14 -9.16 -4.09 -4.18
CA GLU A 14 -10.59 -4.12 -3.89
C GLU A 14 -11.27 -2.83 -4.35
N SER A 15 -12.59 -2.79 -4.21
CA SER A 15 -13.36 -1.61 -4.61
C SER A 15 -13.19 -0.48 -3.60
N TYR A 16 -13.49 0.74 -4.04
CA TYR A 16 -13.37 1.91 -3.17
C TYR A 16 -13.91 1.61 -1.78
N ALA A 17 -13.13 1.97 -0.76
CA ALA A 17 -13.52 1.75 0.62
C ALA A 17 -13.41 3.02 1.45
N ALA A 18 -14.25 3.15 2.47
CA ALA A 18 -14.24 4.33 3.33
C ALA A 18 -13.74 3.97 4.73
N ASP A 19 -14.30 2.92 5.30
CA ASP A 19 -13.92 2.47 6.64
C ASP A 19 -12.53 1.86 6.62
N GLU A 20 -12.30 0.93 5.68
CA GLU A 20 -11.01 0.26 5.56
C GLU A 20 -9.86 1.25 5.71
N PHE A 21 -8.76 0.78 6.28
CA PHE A 21 -7.58 1.63 6.47
C PHE A 21 -6.52 1.34 5.42
N TRP A 22 -6.18 2.35 4.64
CA TRP A 22 -5.17 2.20 3.58
C TRP A 22 -3.84 2.79 4.03
N ILE A 23 -2.75 2.30 3.45
CA ILE A 23 -1.42 2.78 3.78
C ILE A 23 -0.87 3.68 2.68
N CYS A 24 0.07 4.55 3.04
CA CYS A 24 0.68 5.46 2.09
C CYS A 24 2.19 5.24 2.01
N CYS A 25 2.67 4.84 0.84
CA CYS A 25 4.09 4.60 0.64
C CYS A 25 4.80 5.87 0.16
N ASP A 26 6.11 5.91 0.35
CA ASP A 26 6.91 7.07 -0.06
C ASP A 26 7.52 6.84 -1.45
N LEU A 27 8.00 5.63 -1.69
CA LEU A 27 8.61 5.28 -2.96
C LEU A 27 7.56 5.27 -4.08
N CYS A 28 6.64 4.32 -3.99
CA CYS A 28 5.58 4.20 -4.99
C CYS A 28 4.44 5.17 -4.71
N GLU A 29 4.00 5.21 -3.46
CA GLU A 29 2.92 6.10 -3.06
C GLU A 29 1.58 5.61 -3.59
N MET A 30 1.35 4.31 -3.49
CA MET A 30 0.11 3.70 -3.96
C MET A 30 -0.92 3.63 -2.84
N TRP A 31 -2.06 3.00 -3.13
CA TRP A 31 -3.13 2.86 -2.15
C TRP A 31 -3.34 1.40 -1.77
N PHE A 32 -2.65 0.96 -0.72
CA PHE A 32 -2.76 -0.42 -0.27
C PHE A 32 -3.64 -0.52 0.98
N HIS A 33 -3.72 -1.71 1.55
CA HIS A 33 -4.52 -1.93 2.75
C HIS A 33 -3.64 -2.23 3.95
N GLY A 34 -3.92 -1.58 5.07
CA GLY A 34 -3.15 -1.79 6.28
C GLY A 34 -2.76 -3.24 6.46
N LYS A 35 -3.75 -4.11 6.59
CA LYS A 35 -3.50 -5.54 6.78
C LYS A 35 -2.65 -6.10 5.64
N CYS A 36 -2.98 -5.70 4.42
CA CYS A 36 -2.23 -6.16 3.25
C CYS A 36 -0.74 -5.88 3.41
N VAL A 37 -0.41 -4.65 3.76
CA VAL A 37 0.98 -4.25 3.95
C VAL A 37 1.52 -4.72 5.30
N LYS A 38 0.75 -5.58 5.96
CA LYS A 38 1.14 -6.11 7.26
C LYS A 38 1.30 -4.98 8.28
N ILE A 39 0.28 -4.13 8.38
CA ILE A 39 0.30 -3.02 9.31
C ILE A 39 -1.08 -2.78 9.92
N THR A 40 -1.17 -2.95 11.24
CA THR A 40 -2.43 -2.75 11.95
C THR A 40 -2.86 -1.28 11.91
N PRO A 41 -4.17 -1.05 12.07
CA PRO A 41 -4.74 0.30 12.06
C PRO A 41 -4.34 1.10 13.29
N ALA A 42 -3.82 0.42 14.30
CA ALA A 42 -3.39 1.06 15.53
C ALA A 42 -1.92 1.45 15.47
N ARG A 43 -1.10 0.57 14.91
CA ARG A 43 0.33 0.81 14.80
C ARG A 43 0.61 1.89 13.76
N ALA A 44 -0.14 1.85 12.66
CA ALA A 44 0.03 2.82 11.59
C ALA A 44 0.31 4.21 12.15
N GLU A 45 -0.32 4.53 13.28
CA GLU A 45 -0.13 5.83 13.91
C GLU A 45 1.35 6.15 14.08
N HIS A 46 2.11 5.17 14.56
CA HIS A 46 3.54 5.34 14.77
C HIS A 46 4.28 5.40 13.44
N ILE A 47 3.83 4.60 12.49
CA ILE A 47 4.45 4.56 11.17
C ILE A 47 4.23 5.86 10.41
N LYS A 48 5.22 6.28 9.64
CA LYS A 48 5.12 7.51 8.87
C LYS A 48 5.46 7.25 7.40
N GLN A 49 6.58 6.58 7.16
CA GLN A 49 7.00 6.28 5.80
C GLN A 49 7.43 4.81 5.69
N TYR A 50 6.45 3.92 5.57
CA TYR A 50 6.73 2.49 5.47
C TYR A 50 7.03 2.11 4.02
N LYS A 51 7.85 1.07 3.84
CA LYS A 51 8.21 0.60 2.51
C LYS A 51 7.29 -0.54 2.07
N CYS A 52 6.26 -0.18 1.31
CA CYS A 52 5.30 -1.16 0.82
C CYS A 52 6.02 -2.41 0.30
N PRO A 53 5.32 -3.55 0.31
CA PRO A 53 5.88 -4.82 -0.16
C PRO A 53 6.06 -4.85 -1.67
N SER A 54 5.66 -3.77 -2.33
CA SER A 54 5.78 -3.67 -3.78
C SER A 54 7.17 -3.17 -4.18
N CYS A 55 7.72 -2.26 -3.38
CA CYS A 55 9.05 -1.72 -3.64
C CYS A 55 10.13 -2.54 -2.94
N SER A 56 9.93 -2.80 -1.66
CA SER A 56 10.89 -3.58 -0.88
C SER A 56 11.24 -4.87 -1.59
N ASN A 57 10.33 -5.35 -2.43
CA ASN A 57 10.55 -6.58 -3.18
C ASN A 57 11.45 -6.34 -4.38
N LYS A 58 10.98 -5.53 -5.32
CA LYS A 58 11.74 -5.22 -6.53
C LYS A 58 13.16 -4.78 -6.17
N SER A 59 14.13 -5.29 -6.91
CA SER A 59 15.53 -4.96 -6.66
C SER A 59 15.75 -3.46 -6.76
N GLY A 60 15.25 -2.85 -7.83
CA GLY A 60 15.40 -1.43 -8.02
C GLY A 60 16.21 -1.09 -9.27
N PRO A 61 15.52 -0.96 -10.41
CA PRO A 61 16.16 -0.65 -11.69
C PRO A 61 16.69 0.79 -11.73
N SER A 62 15.88 1.73 -11.26
CA SER A 62 16.26 3.13 -11.24
C SER A 62 16.50 3.62 -9.81
N SER A 63 17.78 3.77 -9.45
CA SER A 63 18.13 4.22 -8.11
C SER A 63 18.95 5.50 -8.18
N GLY A 64 20.06 5.46 -8.92
CA GLY A 64 20.91 6.62 -9.04
C GLY A 64 20.47 7.55 -10.17
ZN ZN B . -5.27 -4.91 -0.36
ZN ZN C . 6.50 1.38 -2.17
N GLY A 1 -15.33 7.73 -10.13
CA GLY A 1 -14.35 7.11 -11.00
C GLY A 1 -13.81 8.08 -12.04
N SER A 2 -12.55 8.46 -11.91
CA SER A 2 -11.92 9.39 -12.83
C SER A 2 -11.75 8.75 -14.21
N SER A 3 -12.56 9.18 -15.17
CA SER A 3 -12.49 8.65 -16.52
C SER A 3 -12.25 7.14 -16.50
N GLY A 4 -12.95 6.46 -15.60
CA GLY A 4 -12.79 5.01 -15.50
C GLY A 4 -12.62 4.56 -14.06
N SER A 5 -11.50 3.88 -13.80
CA SER A 5 -11.21 3.38 -12.46
C SER A 5 -10.42 4.42 -11.66
N SER A 6 -10.72 4.51 -10.36
CA SER A 6 -10.05 5.45 -9.49
C SER A 6 -8.73 4.87 -8.98
N GLY A 7 -8.76 3.60 -8.57
CA GLY A 7 -7.56 2.96 -8.07
C GLY A 7 -7.87 1.83 -7.12
N GLN A 8 -7.45 0.62 -7.47
CA GLN A 8 -7.69 -0.55 -6.63
C GLN A 8 -6.42 -0.97 -5.91
N CYS A 9 -6.58 -1.58 -4.75
CA CYS A 9 -5.44 -2.04 -3.96
C CYS A 9 -4.53 -2.95 -4.77
N GLY A 10 -3.24 -2.63 -4.78
CA GLY A 10 -2.29 -3.43 -5.54
C GLY A 10 -2.17 -4.84 -5.02
N ALA A 11 -2.08 -4.98 -3.70
CA ALA A 11 -1.97 -6.29 -3.07
C ALA A 11 -3.07 -7.23 -3.57
N CYS A 12 -4.32 -6.84 -3.36
CA CYS A 12 -5.45 -7.66 -3.78
C CYS A 12 -6.37 -6.86 -4.71
N GLY A 13 -6.64 -5.61 -4.33
CA GLY A 13 -7.50 -4.76 -5.13
C GLY A 13 -8.96 -4.89 -4.74
N GLU A 14 -9.21 -4.97 -3.43
CA GLU A 14 -10.58 -5.10 -2.92
C GLU A 14 -11.33 -3.77 -3.07
N SER A 15 -12.55 -3.74 -2.54
CA SER A 15 -13.38 -2.54 -2.62
C SER A 15 -12.79 -1.41 -1.77
N TYR A 16 -13.25 -0.19 -2.02
CA TYR A 16 -12.76 0.97 -1.28
C TYR A 16 -13.42 1.05 0.09
N ALA A 17 -12.78 1.79 1.00
CA ALA A 17 -13.30 1.96 2.35
C ALA A 17 -13.00 3.35 2.88
N ALA A 18 -13.90 3.87 3.71
CA ALA A 18 -13.74 5.19 4.29
C ALA A 18 -13.52 5.11 5.80
N ASP A 19 -14.37 4.35 6.48
CA ASP A 19 -14.25 4.17 7.92
C ASP A 19 -13.19 3.15 8.27
N GLU A 20 -12.05 3.21 7.58
CA GLU A 20 -10.96 2.29 7.82
C GLU A 20 -9.62 2.91 7.45
N PHE A 21 -8.57 2.52 8.18
CA PHE A 21 -7.23 3.06 7.94
C PHE A 21 -6.69 2.56 6.60
N TRP A 22 -5.75 3.32 6.04
CA TRP A 22 -5.15 2.97 4.76
C TRP A 22 -3.64 3.20 4.78
N ILE A 23 -2.94 2.61 3.83
CA ILE A 23 -1.49 2.76 3.74
C ILE A 23 -1.07 3.26 2.36
N CYS A 24 -0.52 4.46 2.31
CA CYS A 24 -0.07 5.05 1.06
C CYS A 24 1.45 5.14 1.00
N CYS A 25 2.06 4.20 0.28
CA CYS A 25 3.51 4.17 0.15
C CYS A 25 4.06 5.55 -0.17
N ASP A 26 5.30 5.80 0.26
CA ASP A 26 5.94 7.09 0.02
C ASP A 26 6.92 7.01 -1.15
N LEU A 27 7.16 5.79 -1.62
CA LEU A 27 8.07 5.57 -2.73
C LEU A 27 7.34 5.66 -4.07
N CYS A 28 6.51 4.65 -4.34
CA CYS A 28 5.74 4.61 -5.58
C CYS A 28 4.45 5.39 -5.44
N GLU A 29 4.16 5.85 -4.22
CA GLU A 29 2.95 6.61 -3.95
C GLU A 29 1.71 5.84 -4.40
N MET A 30 1.68 4.56 -4.07
CA MET A 30 0.55 3.70 -4.44
C MET A 30 -0.38 3.50 -3.25
N TRP A 31 -1.60 3.06 -3.52
CA TRP A 31 -2.59 2.81 -2.47
C TRP A 31 -2.71 1.32 -2.17
N PHE A 32 -2.82 0.99 -0.89
CA PHE A 32 -2.95 -0.40 -0.46
C PHE A 32 -3.87 -0.51 0.74
N HIS A 33 -3.98 -1.73 1.29
CA HIS A 33 -4.84 -1.98 2.43
C HIS A 33 -4.00 -2.28 3.67
N GLY A 34 -4.21 -1.50 4.73
CA GLY A 34 -3.46 -1.72 5.96
C GLY A 34 -3.30 -3.18 6.29
N LYS A 35 -4.36 -3.95 6.11
CA LYS A 35 -4.32 -5.38 6.40
C LYS A 35 -3.46 -6.12 5.37
N CYS A 36 -3.49 -5.66 4.13
CA CYS A 36 -2.71 -6.28 3.07
C CYS A 36 -1.23 -6.03 3.27
N VAL A 37 -0.88 -4.80 3.67
CA VAL A 37 0.52 -4.45 3.89
C VAL A 37 1.01 -4.98 5.23
N LYS A 38 0.20 -5.83 5.85
CA LYS A 38 0.54 -6.42 7.14
C LYS A 38 0.77 -5.35 8.19
N ILE A 39 -0.02 -4.28 8.13
CA ILE A 39 0.08 -3.18 9.08
C ILE A 39 -1.27 -2.89 9.74
N THR A 40 -1.30 -2.99 11.06
CA THR A 40 -2.52 -2.72 11.81
C THR A 40 -2.82 -1.23 11.88
N PRO A 41 -4.11 -0.90 12.05
CA PRO A 41 -4.56 0.50 12.13
C PRO A 41 -4.12 1.16 13.44
N ALA A 42 -3.62 0.35 14.36
CA ALA A 42 -3.16 0.86 15.66
C ALA A 42 -1.68 1.22 15.61
N ARG A 43 -0.90 0.42 14.88
CA ARG A 43 0.53 0.65 14.77
C ARG A 43 0.82 1.73 13.72
N ALA A 44 0.11 1.65 12.60
CA ALA A 44 0.30 2.63 11.53
C ALA A 44 0.53 4.03 12.08
N GLU A 45 -0.16 4.35 13.17
CA GLU A 45 -0.03 5.65 13.80
C GLU A 45 1.43 6.02 14.02
N HIS A 46 2.16 5.13 14.70
CA HIS A 46 3.57 5.35 14.96
C HIS A 46 4.38 5.41 13.67
N ILE A 47 4.07 4.51 12.74
CA ILE A 47 4.75 4.46 11.46
C ILE A 47 4.53 5.74 10.66
N LYS A 48 5.60 6.32 10.14
CA LYS A 48 5.53 7.54 9.35
C LYS A 48 5.33 7.23 7.88
N GLN A 49 6.35 6.61 7.26
CA GLN A 49 6.29 6.26 5.86
C GLN A 49 6.77 4.83 5.64
N TYR A 50 5.86 3.88 5.75
CA TYR A 50 6.19 2.47 5.57
C TYR A 50 6.54 2.18 4.11
N LYS A 51 7.41 1.20 3.90
CA LYS A 51 7.83 0.82 2.56
C LYS A 51 7.01 -0.36 2.05
N CYS A 52 5.96 -0.06 1.29
CA CYS A 52 5.10 -1.09 0.74
C CYS A 52 5.91 -2.32 0.33
N PRO A 53 5.24 -3.48 0.30
CA PRO A 53 5.89 -4.75 -0.08
C PRO A 53 6.25 -4.81 -1.56
N SER A 54 5.68 -3.88 -2.33
CA SER A 54 5.93 -3.82 -3.77
C SER A 54 7.27 -3.13 -4.06
N CYS A 55 7.70 -2.29 -3.12
CA CYS A 55 8.96 -1.57 -3.27
C CYS A 55 10.10 -2.33 -2.61
N SER A 56 9.93 -2.66 -1.34
CA SER A 56 10.96 -3.38 -0.59
C SER A 56 11.54 -4.51 -1.44
N ASN A 57 10.78 -4.98 -2.41
CA ASN A 57 11.23 -6.05 -3.29
C ASN A 57 12.38 -5.58 -4.17
N LYS A 58 12.16 -4.49 -4.90
CA LYS A 58 13.18 -3.95 -5.78
C LYS A 58 14.25 -3.21 -4.98
N SER A 59 15.41 -3.01 -5.61
CA SER A 59 16.51 -2.31 -4.96
C SER A 59 16.54 -0.84 -5.35
N GLY A 60 16.62 -0.60 -6.65
CA GLY A 60 16.65 0.77 -7.15
C GLY A 60 15.27 1.32 -7.44
N PRO A 61 15.06 2.61 -7.10
CA PRO A 61 13.78 3.28 -7.33
C PRO A 61 13.49 3.51 -8.80
N SER A 62 12.22 3.31 -9.18
CA SER A 62 11.81 3.49 -10.57
C SER A 62 12.24 4.87 -11.10
N SER A 63 11.90 5.90 -10.33
CA SER A 63 12.24 7.28 -10.72
C SER A 63 13.76 7.46 -10.78
N GLY A 64 14.43 7.11 -9.69
CA GLY A 64 15.88 7.24 -9.64
C GLY A 64 16.35 7.93 -8.38
ZN ZN B . -5.78 -5.30 -0.58
ZN ZN C . 5.83 1.45 -2.92
N GLY A 1 -6.19 -4.66 -19.59
CA GLY A 1 -5.58 -3.92 -20.68
C GLY A 1 -6.58 -3.03 -21.40
N SER A 2 -7.77 -3.57 -21.64
CA SER A 2 -8.82 -2.83 -22.34
C SER A 2 -9.97 -2.50 -21.39
N SER A 3 -10.39 -3.51 -20.61
CA SER A 3 -11.49 -3.33 -19.66
C SER A 3 -11.32 -4.26 -18.47
N GLY A 4 -11.45 -3.71 -17.27
CA GLY A 4 -11.32 -4.51 -16.06
C GLY A 4 -11.36 -3.66 -14.80
N SER A 5 -10.24 -3.62 -14.09
CA SER A 5 -10.14 -2.85 -12.85
C SER A 5 -8.95 -1.92 -12.88
N SER A 6 -9.20 -0.63 -12.69
CA SER A 6 -8.14 0.37 -12.70
C SER A 6 -8.20 1.25 -11.45
N GLY A 7 -7.03 1.62 -10.95
CA GLY A 7 -6.96 2.45 -9.76
C GLY A 7 -7.46 1.72 -8.52
N GLN A 8 -6.69 0.75 -8.05
CA GLN A 8 -7.05 -0.02 -6.87
C GLN A 8 -5.82 -0.46 -6.10
N CYS A 9 -6.04 -1.03 -4.92
CA CYS A 9 -4.94 -1.50 -4.08
C CYS A 9 -4.02 -2.44 -4.86
N GLY A 10 -2.79 -1.99 -5.09
CA GLY A 10 -1.83 -2.81 -5.82
C GLY A 10 -1.72 -4.21 -5.25
N ALA A 11 -1.79 -4.32 -3.93
CA ALA A 11 -1.69 -5.62 -3.26
C ALA A 11 -2.75 -6.58 -3.76
N CYS A 12 -4.01 -6.14 -3.74
CA CYS A 12 -5.11 -6.96 -4.21
C CYS A 12 -6.05 -6.17 -5.12
N GLY A 13 -6.39 -4.96 -4.69
CA GLY A 13 -7.27 -4.12 -5.48
C GLY A 13 -8.73 -4.34 -5.16
N GLU A 14 -9.17 -3.82 -4.02
CA GLU A 14 -10.56 -3.97 -3.60
C GLU A 14 -11.36 -2.70 -3.87
N SER A 15 -12.61 -2.69 -3.44
CA SER A 15 -13.48 -1.52 -3.63
C SER A 15 -13.04 -0.37 -2.74
N TYR A 16 -13.37 0.84 -3.18
CA TYR A 16 -13.01 2.04 -2.43
C TYR A 16 -13.53 1.97 -0.99
N ALA A 17 -12.62 2.13 -0.03
CA ALA A 17 -12.98 2.09 1.37
C ALA A 17 -12.64 3.40 2.08
N ALA A 18 -13.54 3.86 2.94
CA ALA A 18 -13.32 5.09 3.68
C ALA A 18 -13.09 4.82 5.16
N ASP A 19 -14.11 4.27 5.82
CA ASP A 19 -14.01 3.96 7.24
C ASP A 19 -13.06 2.79 7.48
N GLU A 20 -11.76 3.06 7.33
CA GLU A 20 -10.76 2.03 7.52
C GLU A 20 -9.35 2.63 7.44
N PHE A 21 -8.37 1.88 7.94
CA PHE A 21 -6.98 2.34 7.92
C PHE A 21 -6.32 2.02 6.58
N TRP A 22 -5.75 3.04 5.95
CA TRP A 22 -5.08 2.88 4.67
C TRP A 22 -3.59 3.14 4.79
N ILE A 23 -2.80 2.42 4.01
CA ILE A 23 -1.34 2.58 4.02
C ILE A 23 -0.83 3.04 2.67
N CYS A 24 -0.26 4.25 2.65
CA CYS A 24 0.28 4.81 1.41
C CYS A 24 1.80 4.79 1.42
N CYS A 25 2.39 4.42 0.30
CA CYS A 25 3.84 4.36 0.17
C CYS A 25 4.39 5.60 -0.52
N ASP A 26 5.68 5.87 -0.34
CA ASP A 26 6.31 7.02 -0.95
C ASP A 26 6.93 6.65 -2.30
N LEU A 27 7.70 5.57 -2.32
CA LEU A 27 8.35 5.10 -3.53
C LEU A 27 7.34 4.95 -4.66
N CYS A 28 6.46 3.95 -4.53
CA CYS A 28 5.44 3.68 -5.53
C CYS A 28 4.42 4.82 -5.57
N GLU A 29 4.03 5.30 -4.40
CA GLU A 29 3.05 6.37 -4.30
C GLU A 29 1.64 5.88 -4.63
N MET A 30 1.33 4.66 -4.17
CA MET A 30 0.03 4.07 -4.42
C MET A 30 -0.78 3.97 -3.12
N TRP A 31 -2.02 3.51 -3.24
CA TRP A 31 -2.90 3.37 -2.08
C TRP A 31 -3.15 1.91 -1.77
N PHE A 32 -2.53 1.42 -0.69
CA PHE A 32 -2.69 0.03 -0.29
C PHE A 32 -3.57 -0.08 0.96
N HIS A 33 -3.78 -1.30 1.42
CA HIS A 33 -4.60 -1.54 2.61
C HIS A 33 -3.74 -2.02 3.77
N GLY A 34 -4.15 -1.67 5.00
CA GLY A 34 -3.40 -2.07 6.17
C GLY A 34 -3.27 -3.59 6.29
N LYS A 35 -4.35 -4.29 5.96
CA LYS A 35 -4.34 -5.75 6.04
C LYS A 35 -3.37 -6.35 5.00
N CYS A 36 -3.45 -5.86 3.77
CA CYS A 36 -2.59 -6.33 2.70
C CYS A 36 -1.12 -6.08 3.04
N VAL A 37 -0.83 -4.87 3.50
CA VAL A 37 0.53 -4.50 3.86
C VAL A 37 0.97 -5.19 5.15
N LYS A 38 0.06 -5.95 5.75
CA LYS A 38 0.35 -6.66 6.98
C LYS A 38 0.76 -5.70 8.09
N ILE A 39 -0.01 -4.63 8.25
CA ILE A 39 0.27 -3.63 9.27
C ILE A 39 -0.97 -3.36 10.12
N THR A 40 -0.80 -3.46 11.45
CA THR A 40 -1.91 -3.23 12.37
C THR A 40 -2.34 -1.77 12.35
N PRO A 41 -3.63 -1.53 12.65
CA PRO A 41 -4.20 -0.17 12.69
C PRO A 41 -3.66 0.66 13.84
N ALA A 42 -3.02 -0.01 14.79
CA ALA A 42 -2.46 0.68 15.95
C ALA A 42 -1.00 1.06 15.71
N ARG A 43 -0.28 0.21 14.99
CA ARG A 43 1.12 0.46 14.69
C ARG A 43 1.26 1.47 13.56
N ALA A 44 0.36 1.40 12.60
CA ALA A 44 0.37 2.32 11.46
C ALA A 44 0.25 3.77 11.91
N GLU A 45 -0.56 3.99 12.94
CA GLU A 45 -0.78 5.33 13.47
C GLU A 45 0.56 6.05 13.67
N HIS A 46 1.58 5.30 14.08
CA HIS A 46 2.90 5.86 14.31
C HIS A 46 3.67 5.99 12.99
N ILE A 47 3.50 5.00 12.12
CA ILE A 47 4.18 5.01 10.83
C ILE A 47 3.62 6.09 9.92
N LYS A 48 4.51 6.82 9.25
CA LYS A 48 4.10 7.88 8.35
C LYS A 48 4.46 7.53 6.91
N GLN A 49 5.68 7.05 6.70
CA GLN A 49 6.15 6.68 5.37
C GLN A 49 6.71 5.26 5.37
N TYR A 50 5.82 4.28 5.19
CA TYR A 50 6.23 2.88 5.16
C TYR A 50 6.56 2.43 3.74
N LYS A 51 7.50 1.50 3.62
CA LYS A 51 7.90 0.99 2.32
C LYS A 51 7.10 -0.26 1.95
N CYS A 52 6.01 -0.05 1.20
CA CYS A 52 5.16 -1.15 0.77
C CYS A 52 5.99 -2.37 0.37
N PRO A 53 5.39 -3.56 0.51
CA PRO A 53 6.05 -4.82 0.17
C PRO A 53 6.26 -4.98 -1.34
N SER A 54 5.71 -4.04 -2.11
CA SER A 54 5.82 -4.07 -3.56
C SER A 54 7.21 -3.62 -4.01
N CYS A 55 7.68 -2.51 -3.43
CA CYS A 55 8.99 -1.97 -3.77
C CYS A 55 10.08 -2.63 -2.93
N SER A 56 9.88 -2.65 -1.62
CA SER A 56 10.85 -3.25 -0.71
C SER A 56 11.34 -4.60 -1.24
N ASN A 57 10.48 -5.26 -2.01
CA ASN A 57 10.82 -6.56 -2.58
C ASN A 57 11.85 -6.42 -3.70
N LYS A 58 11.43 -5.84 -4.81
CA LYS A 58 12.30 -5.64 -5.96
C LYS A 58 13.69 -5.19 -5.51
N SER A 59 14.72 -5.65 -6.21
CA SER A 59 16.09 -5.28 -5.88
C SER A 59 16.35 -3.81 -6.16
N GLY A 60 17.52 -3.33 -5.75
CA GLY A 60 17.87 -1.94 -5.97
C GLY A 60 18.81 -1.76 -7.14
N PRO A 61 20.12 -1.71 -6.86
CA PRO A 61 21.15 -1.53 -7.89
C PRO A 61 21.28 -2.76 -8.80
N SER A 62 22.05 -2.62 -9.86
CA SER A 62 22.26 -3.71 -10.80
C SER A 62 23.47 -4.55 -10.41
N SER A 63 23.22 -5.57 -9.59
CA SER A 63 24.29 -6.45 -9.11
C SER A 63 24.25 -7.79 -9.85
N GLY A 64 23.97 -7.74 -11.14
CA GLY A 64 23.90 -8.96 -11.93
C GLY A 64 22.69 -9.81 -11.59
ZN ZN B . -5.54 -4.81 -0.85
ZN ZN C . 6.44 1.20 -2.39
N GLY A 1 -21.37 5.49 -12.36
CA GLY A 1 -20.81 5.89 -11.08
C GLY A 1 -19.46 5.26 -10.82
N SER A 2 -18.53 5.44 -11.75
CA SER A 2 -17.19 4.88 -11.61
C SER A 2 -16.36 5.67 -10.60
N SER A 3 -15.63 4.96 -9.75
CA SER A 3 -14.80 5.60 -8.74
C SER A 3 -13.36 5.72 -9.22
N GLY A 4 -13.18 6.10 -10.48
CA GLY A 4 -11.86 6.24 -11.03
C GLY A 4 -11.10 4.93 -11.09
N SER A 5 -11.29 4.18 -12.17
CA SER A 5 -10.63 2.89 -12.33
C SER A 5 -9.20 3.07 -12.84
N SER A 6 -8.45 3.96 -12.18
CA SER A 6 -7.08 4.22 -12.56
C SER A 6 -6.15 4.10 -11.36
N GLY A 7 -6.39 3.10 -10.53
CA GLY A 7 -5.57 2.88 -9.35
C GLY A 7 -6.23 1.97 -8.34
N GLN A 8 -5.57 0.87 -8.02
CA GLN A 8 -6.09 -0.09 -7.06
C GLN A 8 -4.97 -0.75 -6.27
N CYS A 9 -5.34 -1.46 -5.21
CA CYS A 9 -4.36 -2.14 -4.38
C CYS A 9 -3.57 -3.17 -5.18
N GLY A 10 -2.25 -3.18 -4.99
CA GLY A 10 -1.41 -4.12 -5.71
C GLY A 10 -1.40 -5.49 -5.06
N ALA A 11 -1.55 -5.53 -3.74
CA ALA A 11 -1.55 -6.78 -3.01
C ALA A 11 -2.71 -7.67 -3.43
N CYS A 12 -3.94 -7.13 -3.30
CA CYS A 12 -5.14 -7.87 -3.67
C CYS A 12 -5.87 -7.17 -4.80
N GLY A 13 -6.05 -5.86 -4.67
CA GLY A 13 -6.74 -5.09 -5.69
C GLY A 13 -8.23 -4.99 -5.43
N GLU A 14 -8.60 -4.84 -4.15
CA GLU A 14 -10.00 -4.73 -3.77
C GLU A 14 -10.60 -3.42 -4.30
N SER A 15 -11.93 -3.35 -4.30
CA SER A 15 -12.63 -2.18 -4.78
C SER A 15 -12.67 -1.09 -3.70
N TYR A 16 -12.79 0.16 -4.14
CA TYR A 16 -12.84 1.29 -3.21
C TYR A 16 -13.75 0.98 -2.02
N ALA A 17 -13.14 0.81 -0.85
CA ALA A 17 -13.90 0.51 0.36
C ALA A 17 -14.12 1.77 1.19
N ALA A 18 -14.94 1.66 2.23
CA ALA A 18 -15.24 2.78 3.10
C ALA A 18 -14.69 2.55 4.51
N ASP A 19 -15.11 1.44 5.12
CA ASP A 19 -14.66 1.10 6.47
C ASP A 19 -13.41 0.23 6.42
N GLU A 20 -12.27 0.88 6.25
CA GLU A 20 -11.00 0.15 6.19
C GLU A 20 -9.82 1.10 6.42
N PHE A 21 -8.63 0.54 6.55
CA PHE A 21 -7.42 1.33 6.78
C PHE A 21 -6.40 1.09 5.67
N TRP A 22 -6.12 2.14 4.90
CA TRP A 22 -5.17 2.07 3.81
C TRP A 22 -3.83 2.68 4.21
N ILE A 23 -2.77 2.27 3.52
CA ILE A 23 -1.44 2.79 3.80
C ILE A 23 -0.94 3.68 2.65
N CYS A 24 -0.05 4.60 2.98
CA CYS A 24 0.50 5.51 1.98
C CYS A 24 2.02 5.35 1.87
N CYS A 25 2.48 4.78 0.77
CA CYS A 25 3.90 4.56 0.55
C CYS A 25 4.59 5.86 0.15
N ASP A 26 5.91 5.88 0.28
CA ASP A 26 6.70 7.06 -0.06
C ASP A 26 7.36 6.89 -1.42
N LEU A 27 7.77 5.66 -1.72
CA LEU A 27 8.43 5.37 -2.99
C LEU A 27 7.42 5.32 -4.13
N CYS A 28 6.49 4.37 -4.06
CA CYS A 28 5.47 4.22 -5.09
C CYS A 28 4.30 5.18 -4.83
N GLU A 29 3.99 5.39 -3.56
CA GLU A 29 2.90 6.28 -3.19
C GLU A 29 1.56 5.76 -3.72
N MET A 30 1.38 4.45 -3.67
CA MET A 30 0.16 3.82 -4.15
C MET A 30 -0.88 3.71 -3.04
N TRP A 31 -2.01 3.08 -3.34
CA TRP A 31 -3.06 2.91 -2.35
C TRP A 31 -3.23 1.44 -1.99
N PHE A 32 -2.59 1.03 -0.90
CA PHE A 32 -2.67 -0.35 -0.44
C PHE A 32 -3.54 -0.47 0.80
N HIS A 33 -3.66 -1.68 1.33
CA HIS A 33 -4.46 -1.93 2.52
C HIS A 33 -3.57 -2.30 3.70
N GLY A 34 -3.81 -1.63 4.84
CA GLY A 34 -3.02 -1.90 6.03
C GLY A 34 -2.71 -3.38 6.20
N LYS A 35 -3.77 -4.19 6.26
CA LYS A 35 -3.60 -5.64 6.43
C LYS A 35 -2.76 -6.22 5.30
N CYS A 36 -2.94 -5.70 4.09
CA CYS A 36 -2.20 -6.17 2.93
C CYS A 36 -0.71 -5.88 3.09
N VAL A 37 -0.39 -4.68 3.55
CA VAL A 37 1.01 -4.27 3.74
C VAL A 37 1.57 -4.85 5.04
N LYS A 38 0.80 -5.74 5.66
CA LYS A 38 1.22 -6.38 6.90
C LYS A 38 1.37 -5.34 8.02
N ILE A 39 0.38 -4.47 8.15
CA ILE A 39 0.41 -3.43 9.17
C ILE A 39 -0.96 -3.26 9.81
N THR A 40 -0.97 -2.91 11.10
CA THR A 40 -2.21 -2.70 11.84
C THR A 40 -2.60 -1.24 11.87
N PRO A 41 -3.91 -0.97 12.00
CA PRO A 41 -4.44 0.40 12.05
C PRO A 41 -4.07 1.12 13.34
N ALA A 42 -3.61 0.35 14.33
CA ALA A 42 -3.22 0.91 15.61
C ALA A 42 -1.72 1.23 15.64
N ARG A 43 -0.96 0.51 14.82
CA ARG A 43 0.47 0.72 14.75
C ARG A 43 0.83 1.83 13.76
N ALA A 44 0.03 1.94 12.70
CA ALA A 44 0.25 2.96 11.68
C ALA A 44 0.52 4.31 12.30
N GLU A 45 -0.30 4.68 13.28
CA GLU A 45 -0.15 5.97 13.96
C GLU A 45 1.30 6.22 14.33
N HIS A 46 2.04 5.14 14.57
CA HIS A 46 3.45 5.24 14.93
C HIS A 46 4.34 5.24 13.68
N ILE A 47 3.91 4.51 12.66
CA ILE A 47 4.67 4.43 11.42
C ILE A 47 4.59 5.74 10.64
N LYS A 48 5.73 6.18 10.11
CA LYS A 48 5.78 7.42 9.35
C LYS A 48 5.76 7.14 7.85
N GLN A 49 6.81 6.47 7.37
CA GLN A 49 6.91 6.13 5.95
C GLN A 49 7.32 4.67 5.76
N TYR A 50 6.34 3.77 5.79
CA TYR A 50 6.60 2.35 5.62
C TYR A 50 6.88 2.01 4.16
N LYS A 51 7.69 0.98 3.94
CA LYS A 51 8.04 0.55 2.60
C LYS A 51 7.15 -0.61 2.14
N CYS A 52 6.12 -0.27 1.35
CA CYS A 52 5.19 -1.28 0.86
C CYS A 52 5.94 -2.51 0.34
N PRO A 53 5.27 -3.67 0.37
CA PRO A 53 5.85 -4.93 -0.10
C PRO A 53 6.03 -4.95 -1.61
N SER A 54 5.63 -3.89 -2.28
CA SER A 54 5.74 -3.80 -3.73
C SER A 54 7.12 -3.27 -4.13
N CYS A 55 7.63 -2.31 -3.37
CA CYS A 55 8.94 -1.72 -3.64
C CYS A 55 10.03 -2.48 -2.88
N SER A 56 9.78 -2.73 -1.60
CA SER A 56 10.75 -3.44 -0.76
C SER A 56 11.12 -4.79 -1.36
N ASN A 57 10.16 -5.41 -2.05
CA ASN A 57 10.39 -6.70 -2.68
C ASN A 57 10.93 -6.53 -4.09
N LYS A 58 11.79 -5.54 -4.27
CA LYS A 58 12.40 -5.27 -5.58
C LYS A 58 13.72 -6.00 -5.72
N SER A 59 14.51 -6.00 -4.66
CA SER A 59 15.82 -6.67 -4.68
C SER A 59 15.66 -8.18 -4.62
N GLY A 60 16.74 -8.90 -4.89
CA GLY A 60 16.70 -10.35 -4.85
C GLY A 60 16.53 -10.90 -3.46
N PRO A 61 17.33 -11.92 -3.11
CA PRO A 61 17.28 -12.55 -1.79
C PRO A 61 17.81 -11.64 -0.69
N SER A 62 18.22 -10.43 -1.07
CA SER A 62 18.74 -9.46 -0.12
C SER A 62 18.05 -9.60 1.24
N SER A 63 18.83 -9.49 2.31
CA SER A 63 18.29 -9.61 3.66
C SER A 63 17.03 -8.76 3.81
N GLY A 64 16.17 -9.14 4.75
CA GLY A 64 14.95 -8.39 4.98
C GLY A 64 13.81 -9.30 5.44
ZN ZN B . -5.27 -5.07 -0.71
ZN ZN C . 6.29 1.33 -2.25
N GLY A 1 -18.19 0.54 -22.00
CA GLY A 1 -19.08 1.67 -21.77
C GLY A 1 -18.60 2.57 -20.66
N SER A 2 -19.34 2.60 -19.56
CA SER A 2 -19.00 3.43 -18.41
C SER A 2 -18.21 2.63 -17.38
N SER A 3 -16.95 3.00 -17.17
CA SER A 3 -16.10 2.32 -16.22
C SER A 3 -15.44 3.32 -15.26
N GLY A 4 -14.96 2.82 -14.13
CA GLY A 4 -14.32 3.67 -13.15
C GLY A 4 -13.75 2.89 -11.99
N SER A 5 -12.44 3.03 -11.76
CA SER A 5 -11.78 2.33 -10.67
C SER A 5 -11.04 3.31 -9.76
N SER A 6 -11.77 3.89 -8.82
CA SER A 6 -11.19 4.86 -7.89
C SER A 6 -10.82 4.18 -6.57
N GLY A 7 -9.66 3.54 -6.55
CA GLY A 7 -9.21 2.86 -5.35
C GLY A 7 -9.11 1.36 -5.53
N GLN A 8 -8.05 0.92 -6.23
CA GLN A 8 -7.85 -0.50 -6.48
C GLN A 8 -6.54 -0.98 -5.83
N CYS A 9 -6.65 -1.47 -4.60
CA CYS A 9 -5.48 -1.96 -3.87
C CYS A 9 -4.71 -2.98 -4.71
N GLY A 10 -3.38 -2.85 -4.71
CA GLY A 10 -2.55 -3.76 -5.46
C GLY A 10 -2.57 -5.17 -4.92
N ALA A 11 -2.54 -5.28 -3.59
CA ALA A 11 -2.56 -6.59 -2.93
C ALA A 11 -3.78 -7.40 -3.36
N CYS A 12 -4.96 -6.81 -3.19
CA CYS A 12 -6.21 -7.49 -3.56
C CYS A 12 -6.97 -6.68 -4.60
N GLY A 13 -7.10 -5.38 -4.34
CA GLY A 13 -7.81 -4.51 -5.27
C GLY A 13 -9.32 -4.60 -5.09
N GLU A 14 -9.80 -4.14 -3.94
CA GLU A 14 -11.23 -4.16 -3.65
C GLU A 14 -11.89 -2.85 -4.08
N SER A 15 -13.21 -2.83 -4.04
CA SER A 15 -13.98 -1.64 -4.43
C SER A 15 -13.62 -0.45 -3.54
N TYR A 16 -13.96 0.75 -3.99
CA TYR A 16 -13.67 1.97 -3.24
C TYR A 16 -14.24 1.88 -1.83
N ALA A 17 -13.39 1.56 -0.87
CA ALA A 17 -13.81 1.45 0.52
C ALA A 17 -13.28 2.61 1.35
N ALA A 18 -14.14 3.19 2.17
CA ALA A 18 -13.75 4.31 3.02
C ALA A 18 -13.40 3.84 4.43
N ASP A 19 -14.29 3.04 5.01
CA ASP A 19 -14.07 2.52 6.36
C ASP A 19 -12.69 1.90 6.49
N GLU A 20 -12.37 1.00 5.57
CA GLU A 20 -11.07 0.33 5.57
C GLU A 20 -9.94 1.33 5.71
N PHE A 21 -8.80 0.87 6.20
CA PHE A 21 -7.63 1.73 6.38
C PHE A 21 -6.58 1.45 5.30
N TRP A 22 -6.18 2.50 4.59
CA TRP A 22 -5.19 2.38 3.54
C TRP A 22 -3.83 2.92 3.99
N ILE A 23 -2.76 2.40 3.41
CA ILE A 23 -1.41 2.84 3.76
C ILE A 23 -0.83 3.73 2.67
N CYS A 24 0.11 4.59 3.06
CA CYS A 24 0.75 5.51 2.12
C CYS A 24 2.25 5.23 2.04
N CYS A 25 2.67 4.71 0.89
CA CYS A 25 4.09 4.41 0.67
C CYS A 25 4.86 5.65 0.28
N ASP A 26 6.18 5.60 0.41
CA ASP A 26 7.04 6.71 0.06
C ASP A 26 7.48 6.64 -1.39
N LEU A 27 7.79 5.42 -1.85
CA LEU A 27 8.23 5.21 -3.22
C LEU A 27 7.06 5.24 -4.18
N CYS A 28 6.27 4.17 -4.19
CA CYS A 28 5.10 4.07 -5.06
C CYS A 28 3.92 4.82 -4.46
N GLU A 29 3.96 5.06 -3.15
CA GLU A 29 2.89 5.77 -2.47
C GLU A 29 1.53 5.40 -3.06
N MET A 30 1.34 4.12 -3.32
CA MET A 30 0.08 3.64 -3.89
C MET A 30 -0.99 3.54 -2.81
N TRP A 31 -2.15 3.01 -3.18
CA TRP A 31 -3.26 2.86 -2.26
C TRP A 31 -3.48 1.40 -1.89
N PHE A 32 -2.87 0.97 -0.79
CA PHE A 32 -2.98 -0.41 -0.34
C PHE A 32 -3.84 -0.49 0.93
N HIS A 33 -4.01 -1.71 1.44
CA HIS A 33 -4.79 -1.92 2.64
C HIS A 33 -3.89 -2.27 3.83
N GLY A 34 -4.01 -1.48 4.89
CA GLY A 34 -3.19 -1.71 6.08
C GLY A 34 -2.95 -3.19 6.33
N LYS A 35 -4.03 -3.97 6.33
CA LYS A 35 -3.93 -5.41 6.56
C LYS A 35 -3.15 -6.08 5.44
N CYS A 36 -3.34 -5.61 4.22
CA CYS A 36 -2.65 -6.17 3.06
C CYS A 36 -1.15 -5.94 3.16
N VAL A 37 -0.76 -4.73 3.57
CA VAL A 37 0.64 -4.38 3.70
C VAL A 37 1.22 -4.93 5.01
N LYS A 38 0.48 -5.83 5.64
CA LYS A 38 0.91 -6.42 6.89
C LYS A 38 1.09 -5.36 7.97
N ILE A 39 0.09 -4.49 8.13
CA ILE A 39 0.15 -3.43 9.11
C ILE A 39 -1.23 -3.19 9.74
N THR A 40 -1.24 -2.97 11.05
CA THR A 40 -2.49 -2.72 11.77
C THR A 40 -2.89 -1.26 11.70
N PRO A 41 -4.19 -0.98 11.80
CA PRO A 41 -4.73 0.38 11.77
C PRO A 41 -4.37 1.19 12.99
N ALA A 42 -3.85 0.50 14.01
CA ALA A 42 -3.45 1.16 15.25
C ALA A 42 -1.97 1.50 15.24
N ARG A 43 -1.15 0.56 14.77
CA ARG A 43 0.29 0.75 14.72
C ARG A 43 0.65 1.87 13.73
N ALA A 44 -0.08 1.93 12.62
CA ALA A 44 0.15 2.95 11.61
C ALA A 44 0.44 4.31 12.25
N GLU A 45 -0.28 4.61 13.32
CA GLU A 45 -0.10 5.88 14.02
C GLU A 45 1.38 6.14 14.30
N HIS A 46 2.09 5.12 14.71
CA HIS A 46 3.52 5.24 15.01
C HIS A 46 4.34 5.22 13.73
N ILE A 47 3.93 4.39 12.77
CA ILE A 47 4.62 4.28 11.50
C ILE A 47 4.51 5.57 10.70
N LYS A 48 5.64 6.19 10.41
CA LYS A 48 5.67 7.43 9.64
C LYS A 48 5.76 7.15 8.15
N GLN A 49 6.74 6.33 7.77
CA GLN A 49 6.93 5.97 6.37
C GLN A 49 7.30 4.50 6.22
N TYR A 50 6.35 3.70 5.75
CA TYR A 50 6.57 2.27 5.57
C TYR A 50 6.87 1.94 4.12
N LYS A 51 7.77 0.99 3.90
CA LYS A 51 8.15 0.58 2.55
C LYS A 51 7.34 -0.64 2.11
N CYS A 52 6.24 -0.40 1.41
CA CYS A 52 5.39 -1.47 0.93
C CYS A 52 6.22 -2.62 0.39
N PRO A 53 5.64 -3.83 0.42
CA PRO A 53 6.30 -5.05 -0.06
C PRO A 53 6.48 -5.05 -1.58
N SER A 54 5.76 -4.16 -2.25
CA SER A 54 5.83 -4.06 -3.70
C SER A 54 7.10 -3.32 -4.14
N CYS A 55 7.58 -2.43 -3.27
CA CYS A 55 8.78 -1.65 -3.56
C CYS A 55 10.02 -2.35 -3.03
N SER A 56 10.02 -2.66 -1.74
CA SER A 56 11.14 -3.32 -1.10
C SER A 56 11.64 -4.48 -1.95
N ASN A 57 10.72 -5.11 -2.68
CA ASN A 57 11.06 -6.25 -3.53
C ASN A 57 11.48 -5.77 -4.92
N LYS A 58 12.26 -4.69 -4.95
CA LYS A 58 12.74 -4.14 -6.22
C LYS A 58 14.15 -4.64 -6.53
N SER A 59 14.56 -4.45 -7.78
CA SER A 59 15.89 -4.88 -8.21
C SER A 59 16.50 -3.87 -9.17
N GLY A 60 17.76 -3.52 -8.92
CA GLY A 60 18.45 -2.56 -9.77
C GLY A 60 19.64 -1.94 -9.09
N PRO A 61 20.17 -0.86 -9.69
CA PRO A 61 21.32 -0.14 -9.15
C PRO A 61 21.01 0.59 -7.85
N SER A 62 21.83 0.36 -6.83
CA SER A 62 21.62 1.00 -5.53
C SER A 62 22.31 2.37 -5.49
N SER A 63 21.66 3.33 -4.86
CA SER A 63 22.20 4.68 -4.75
C SER A 63 22.95 4.85 -3.44
N GLY A 64 22.27 4.58 -2.32
CA GLY A 64 22.88 4.72 -1.02
C GLY A 64 22.76 3.46 -0.18
ZN ZN B . -5.90 -5.02 -0.39
ZN ZN C . 5.73 1.29 -2.47
N GLY A 1 -21.44 -3.08 -9.04
CA GLY A 1 -21.05 -1.68 -9.00
C GLY A 1 -19.78 -1.42 -9.78
N SER A 2 -19.21 -0.23 -9.58
CA SER A 2 -17.98 0.16 -10.28
C SER A 2 -16.78 -0.60 -9.72
N SER A 3 -16.00 -1.21 -10.61
CA SER A 3 -14.82 -1.96 -10.20
C SER A 3 -13.55 -1.20 -10.53
N GLY A 4 -12.79 -0.85 -9.50
CA GLY A 4 -11.55 -0.11 -9.70
C GLY A 4 -10.52 -0.92 -10.48
N SER A 5 -10.51 -0.75 -11.80
CA SER A 5 -9.57 -1.47 -12.65
C SER A 5 -8.22 -0.77 -12.68
N SER A 6 -8.25 0.55 -12.81
CA SER A 6 -7.02 1.34 -12.85
C SER A 6 -6.88 2.20 -11.60
N GLY A 7 -6.04 1.75 -10.67
CA GLY A 7 -5.83 2.49 -9.44
C GLY A 7 -6.40 1.78 -8.23
N GLN A 8 -6.16 0.47 -8.15
CA GLN A 8 -6.66 -0.33 -7.03
C GLN A 8 -5.51 -0.95 -6.24
N CYS A 9 -5.82 -1.50 -5.07
CA CYS A 9 -4.81 -2.13 -4.23
C CYS A 9 -4.22 -3.36 -4.91
N GLY A 10 -2.90 -3.38 -5.02
CA GLY A 10 -2.23 -4.51 -5.64
C GLY A 10 -2.39 -5.79 -4.84
N ALA A 11 -2.29 -5.68 -3.52
CA ALA A 11 -2.43 -6.84 -2.65
C ALA A 11 -3.70 -7.60 -2.94
N CYS A 12 -4.85 -6.95 -2.77
CA CYS A 12 -6.13 -7.57 -3.01
C CYS A 12 -6.90 -6.83 -4.11
N GLY A 13 -6.88 -5.50 -4.03
CA GLY A 13 -7.57 -4.69 -5.03
C GLY A 13 -9.06 -4.61 -4.76
N GLU A 14 -9.42 -4.18 -3.56
CA GLU A 14 -10.82 -4.06 -3.18
C GLU A 14 -11.45 -2.82 -3.80
N SER A 15 -12.73 -2.60 -3.52
CA SER A 15 -13.45 -1.44 -4.06
C SER A 15 -13.37 -0.27 -3.09
N TYR A 16 -13.46 0.95 -3.63
CA TYR A 16 -13.41 2.16 -2.81
C TYR A 16 -14.12 1.94 -1.47
N ALA A 17 -13.39 2.16 -0.39
CA ALA A 17 -13.95 1.99 0.94
C ALA A 17 -13.41 3.05 1.90
N ALA A 18 -14.30 3.62 2.71
CA ALA A 18 -13.91 4.65 3.67
C ALA A 18 -13.62 4.04 5.03
N ASP A 19 -14.51 3.17 5.50
CA ASP A 19 -14.34 2.52 6.78
C ASP A 19 -12.96 1.87 6.90
N GLU A 20 -12.58 1.13 5.87
CA GLU A 20 -11.29 0.46 5.85
C GLU A 20 -10.15 1.46 6.04
N PHE A 21 -8.94 0.95 6.23
CA PHE A 21 -7.77 1.80 6.43
C PHE A 21 -6.72 1.55 5.34
N TRP A 22 -6.29 2.62 4.69
CA TRP A 22 -5.29 2.51 3.64
C TRP A 22 -3.91 2.90 4.16
N ILE A 23 -2.87 2.38 3.52
CA ILE A 23 -1.50 2.67 3.91
C ILE A 23 -0.85 3.68 2.97
N CYS A 24 0.22 4.31 3.42
CA CYS A 24 0.93 5.30 2.63
C CYS A 24 2.34 4.83 2.31
N CYS A 25 2.81 5.12 1.10
CA CYS A 25 4.14 4.73 0.67
C CYS A 25 4.84 5.88 -0.03
N ASP A 26 5.93 6.37 0.58
CA ASP A 26 6.70 7.46 0.02
C ASP A 26 7.67 6.96 -1.05
N LEU A 27 7.20 6.02 -1.86
CA LEU A 27 8.02 5.45 -2.93
C LEU A 27 7.23 5.36 -4.23
N CYS A 28 6.22 4.49 -4.24
CA CYS A 28 5.38 4.31 -5.42
C CYS A 28 4.07 5.09 -5.29
N GLU A 29 3.69 5.39 -4.06
CA GLU A 29 2.47 6.12 -3.80
C GLU A 29 1.25 5.35 -4.30
N MET A 30 1.20 4.07 -3.95
CA MET A 30 0.08 3.21 -4.36
C MET A 30 -1.05 3.27 -3.34
N TRP A 31 -2.11 2.52 -3.60
CA TRP A 31 -3.27 2.48 -2.71
C TRP A 31 -3.48 1.08 -2.14
N PHE A 32 -2.78 0.78 -1.06
CA PHE A 32 -2.89 -0.52 -0.42
C PHE A 32 -3.76 -0.45 0.83
N HIS A 33 -3.94 -1.59 1.50
CA HIS A 33 -4.76 -1.65 2.71
C HIS A 33 -3.91 -2.01 3.91
N GLY A 34 -4.21 -1.42 5.06
CA GLY A 34 -3.47 -1.70 6.27
C GLY A 34 -3.22 -3.18 6.46
N LYS A 35 -4.29 -3.95 6.65
CA LYS A 35 -4.18 -5.38 6.86
C LYS A 35 -3.39 -6.03 5.72
N CYS A 36 -3.67 -5.60 4.50
CA CYS A 36 -2.99 -6.13 3.31
C CYS A 36 -1.47 -6.06 3.48
N VAL A 37 -0.98 -4.88 3.83
CA VAL A 37 0.45 -4.67 4.02
C VAL A 37 0.91 -5.21 5.37
N LYS A 38 0.02 -5.95 6.04
CA LYS A 38 0.33 -6.53 7.34
C LYS A 38 0.56 -5.45 8.38
N ILE A 39 -0.25 -4.40 8.32
CA ILE A 39 -0.14 -3.29 9.26
C ILE A 39 -1.51 -2.93 9.86
N THR A 40 -1.59 -2.95 11.18
CA THR A 40 -2.82 -2.63 11.87
C THR A 40 -3.09 -1.13 11.87
N PRO A 41 -4.36 -0.76 12.04
CA PRO A 41 -4.77 0.66 12.06
C PRO A 41 -4.29 1.38 13.31
N ALA A 42 -3.91 0.61 14.32
CA ALA A 42 -3.42 1.18 15.58
C ALA A 42 -1.93 1.50 15.49
N ARG A 43 -1.17 0.60 14.88
CA ARG A 43 0.26 0.79 14.74
C ARG A 43 0.58 1.81 13.65
N ALA A 44 -0.22 1.80 12.59
CA ALA A 44 -0.03 2.73 11.48
C ALA A 44 0.41 4.09 11.98
N GLU A 45 -0.21 4.56 13.06
CA GLU A 45 0.13 5.86 13.63
C GLU A 45 1.63 6.03 13.75
N HIS A 46 2.31 5.00 14.27
CA HIS A 46 3.76 5.04 14.43
C HIS A 46 4.46 4.90 13.08
N ILE A 47 3.82 4.20 12.16
CA ILE A 47 4.38 3.99 10.83
C ILE A 47 4.69 5.32 10.15
N LYS A 48 5.95 5.54 9.79
CA LYS A 48 6.37 6.77 9.14
C LYS A 48 6.98 6.46 7.77
N GLN A 49 6.22 6.76 6.72
CA GLN A 49 6.69 6.53 5.35
C GLN A 49 7.30 5.14 5.22
N TYR A 50 6.59 4.13 5.70
CA TYR A 50 7.07 2.75 5.62
C TYR A 50 7.24 2.30 4.18
N LYS A 51 8.16 1.38 3.95
CA LYS A 51 8.42 0.85 2.62
C LYS A 51 7.45 -0.29 2.30
N CYS A 52 6.47 0.00 1.45
CA CYS A 52 5.49 -1.00 1.06
C CYS A 52 6.17 -2.27 0.56
N PRO A 53 5.47 -3.41 0.66
CA PRO A 53 5.98 -4.71 0.22
C PRO A 53 6.11 -4.80 -1.30
N SER A 54 5.70 -3.74 -1.99
CA SER A 54 5.76 -3.71 -3.44
C SER A 54 7.04 -3.03 -3.91
N CYS A 55 7.59 -2.17 -3.07
CA CYS A 55 8.82 -1.45 -3.39
C CYS A 55 10.05 -2.20 -2.89
N SER A 56 10.01 -2.61 -1.62
CA SER A 56 11.12 -3.33 -1.02
C SER A 56 11.42 -4.61 -1.80
N ASN A 57 10.39 -5.18 -2.41
CA ASN A 57 10.55 -6.40 -3.19
C ASN A 57 10.70 -6.09 -4.69
N LYS A 58 11.43 -5.01 -4.98
CA LYS A 58 11.65 -4.60 -6.36
C LYS A 58 12.81 -5.36 -6.98
N SER A 59 12.94 -5.28 -8.30
CA SER A 59 14.01 -5.97 -9.01
C SER A 59 15.35 -5.75 -8.32
N GLY A 60 15.70 -4.47 -8.11
CA GLY A 60 16.95 -4.14 -7.46
C GLY A 60 17.75 -3.12 -8.25
N PRO A 61 17.29 -1.87 -8.24
CA PRO A 61 17.95 -0.77 -8.96
C PRO A 61 19.28 -0.39 -8.32
N SER A 62 19.37 -0.53 -7.00
CA SER A 62 20.58 -0.19 -6.26
C SER A 62 21.14 -1.42 -5.55
N SER A 63 21.13 -2.55 -6.25
CA SER A 63 21.63 -3.81 -5.67
C SER A 63 22.91 -3.56 -4.89
N GLY A 64 22.81 -3.60 -3.56
CA GLY A 64 23.97 -3.38 -2.72
C GLY A 64 24.14 -4.46 -1.68
ZN ZN B . -5.83 -4.61 -0.36
ZN ZN C . 5.70 1.58 -2.68
N GLY A 1 -20.75 0.76 -11.69
CA GLY A 1 -19.84 -0.30 -11.27
C GLY A 1 -18.65 0.22 -10.49
N SER A 2 -17.58 0.54 -11.20
CA SER A 2 -16.37 1.05 -10.57
C SER A 2 -16.62 2.41 -9.93
N SER A 3 -15.71 2.84 -9.06
CA SER A 3 -15.83 4.12 -8.39
C SER A 3 -14.64 5.01 -8.68
N GLY A 4 -14.88 6.17 -9.26
CA GLY A 4 -13.82 7.10 -9.58
C GLY A 4 -13.29 6.91 -11.00
N SER A 5 -11.98 6.83 -11.14
CA SER A 5 -11.35 6.65 -12.44
C SER A 5 -10.53 5.37 -12.49
N SER A 6 -9.68 5.18 -11.50
CA SER A 6 -8.84 3.99 -11.42
C SER A 6 -8.20 3.86 -10.04
N GLY A 7 -8.57 2.80 -9.32
CA GLY A 7 -8.03 2.58 -8.00
C GLY A 7 -8.17 1.14 -7.54
N GLN A 8 -7.08 0.39 -7.63
CA GLN A 8 -7.09 -1.02 -7.23
C GLN A 8 -5.82 -1.37 -6.47
N CYS A 9 -5.99 -1.92 -5.26
CA CYS A 9 -4.85 -2.30 -4.43
C CYS A 9 -4.03 -3.40 -5.10
N GLY A 10 -2.75 -3.15 -5.29
CA GLY A 10 -1.89 -4.13 -5.92
C GLY A 10 -1.83 -5.43 -5.15
N ALA A 11 -1.82 -5.34 -3.82
CA ALA A 11 -1.77 -6.51 -2.97
C ALA A 11 -2.92 -7.46 -3.28
N CYS A 12 -4.14 -6.94 -3.26
CA CYS A 12 -5.32 -7.74 -3.53
C CYS A 12 -6.19 -7.08 -4.60
N GLY A 13 -6.42 -5.78 -4.45
CA GLY A 13 -7.22 -5.06 -5.42
C GLY A 13 -8.70 -5.17 -5.13
N GLU A 14 -9.06 -5.08 -3.85
CA GLU A 14 -10.46 -5.16 -3.44
C GLU A 14 -11.24 -3.94 -3.89
N SER A 15 -12.56 -3.99 -3.74
CA SER A 15 -13.42 -2.88 -4.14
C SER A 15 -13.04 -1.60 -3.39
N TYR A 16 -13.51 -0.47 -3.89
CA TYR A 16 -13.23 0.83 -3.27
C TYR A 16 -13.88 0.93 -1.90
N ALA A 17 -13.13 0.54 -0.87
CA ALA A 17 -13.63 0.60 0.50
C ALA A 17 -13.09 1.81 1.23
N ALA A 18 -13.98 2.62 1.79
CA ALA A 18 -13.60 3.82 2.52
C ALA A 18 -13.24 3.48 3.96
N ASP A 19 -14.13 2.76 4.63
CA ASP A 19 -13.91 2.37 6.02
C ASP A 19 -12.52 1.77 6.20
N GLU A 20 -12.25 0.69 5.47
CA GLU A 20 -10.96 0.02 5.56
C GLU A 20 -9.82 1.04 5.68
N PHE A 21 -8.73 0.63 6.32
CA PHE A 21 -7.59 1.51 6.51
C PHE A 21 -6.53 1.24 5.43
N TRP A 22 -6.30 2.24 4.59
CA TRP A 22 -5.32 2.11 3.52
C TRP A 22 -3.98 2.68 3.95
N ILE A 23 -2.90 2.18 3.35
CA ILE A 23 -1.55 2.64 3.68
C ILE A 23 -1.00 3.52 2.56
N CYS A 24 -0.07 4.40 2.92
CA CYS A 24 0.55 5.31 1.96
C CYS A 24 2.05 5.09 1.87
N CYS A 25 2.54 4.75 0.69
CA CYS A 25 3.96 4.51 0.48
C CYS A 25 4.69 5.80 0.12
N ASP A 26 6.01 5.79 0.25
CA ASP A 26 6.82 6.96 -0.07
C ASP A 26 7.46 6.83 -1.44
N LEU A 27 8.02 5.65 -1.71
CA LEU A 27 8.67 5.40 -3.00
C LEU A 27 7.65 5.47 -4.14
N CYS A 28 6.83 4.44 -4.26
CA CYS A 28 5.82 4.38 -5.32
C CYS A 28 4.60 5.23 -4.94
N GLU A 29 4.30 5.27 -3.64
CA GLU A 29 3.16 6.04 -3.15
C GLU A 29 1.86 5.48 -3.70
N MET A 30 1.71 4.16 -3.62
CA MET A 30 0.50 3.51 -4.12
C MET A 30 -0.58 3.47 -3.03
N TRP A 31 -1.70 2.82 -3.34
CA TRP A 31 -2.80 2.72 -2.40
C TRP A 31 -3.04 1.26 -2.00
N PHE A 32 -2.53 0.87 -0.84
CA PHE A 32 -2.69 -0.49 -0.36
C PHE A 32 -3.51 -0.51 0.93
N HIS A 33 -3.72 -1.71 1.47
CA HIS A 33 -4.49 -1.87 2.70
C HIS A 33 -3.58 -2.25 3.86
N GLY A 34 -3.91 -1.74 5.05
CA GLY A 34 -3.12 -2.04 6.23
C GLY A 34 -2.70 -3.49 6.29
N LYS A 35 -3.68 -4.38 6.46
CA LYS A 35 -3.40 -5.81 6.54
C LYS A 35 -2.57 -6.27 5.35
N CYS A 36 -2.94 -5.81 4.15
CA CYS A 36 -2.22 -6.18 2.94
C CYS A 36 -0.72 -5.89 3.08
N VAL A 37 -0.40 -4.68 3.51
CA VAL A 37 0.99 -4.28 3.69
C VAL A 37 1.54 -4.80 5.02
N LYS A 38 0.81 -5.71 5.64
CA LYS A 38 1.22 -6.28 6.92
C LYS A 38 1.32 -5.20 8.00
N ILE A 39 0.28 -4.40 8.11
CA ILE A 39 0.25 -3.32 9.10
C ILE A 39 -1.13 -3.18 9.72
N THR A 40 -1.17 -2.73 10.97
CA THR A 40 -2.44 -2.55 11.68
C THR A 40 -2.84 -1.08 11.72
N PRO A 41 -4.15 -0.83 11.86
CA PRO A 41 -4.69 0.54 11.92
C PRO A 41 -4.32 1.25 13.21
N ALA A 42 -3.75 0.50 14.16
CA ALA A 42 -3.34 1.07 15.43
C ALA A 42 -1.87 1.46 15.42
N ARG A 43 -1.03 0.57 14.90
CA ARG A 43 0.41 0.81 14.82
C ARG A 43 0.72 1.91 13.80
N ALA A 44 -0.06 1.95 12.73
CA ALA A 44 0.14 2.95 11.68
C ALA A 44 0.47 4.30 12.28
N GLU A 45 -0.18 4.65 13.39
CA GLU A 45 0.06 5.91 14.06
C GLU A 45 1.56 6.16 14.24
N HIS A 46 2.28 5.14 14.66
CA HIS A 46 3.72 5.25 14.87
C HIS A 46 4.46 5.25 13.54
N ILE A 47 3.98 4.45 12.60
CA ILE A 47 4.60 4.36 11.28
C ILE A 47 4.42 5.66 10.50
N LYS A 48 5.52 6.24 10.04
CA LYS A 48 5.48 7.48 9.27
C LYS A 48 5.67 7.20 7.78
N GLN A 49 6.75 6.50 7.45
CA GLN A 49 7.05 6.17 6.07
C GLN A 49 7.41 4.69 5.91
N TYR A 50 6.41 3.85 5.74
CA TYR A 50 6.63 2.42 5.59
C TYR A 50 6.97 2.07 4.15
N LYS A 51 7.74 0.99 3.98
CA LYS A 51 8.16 0.55 2.65
C LYS A 51 7.21 -0.53 2.13
N CYS A 52 6.20 -0.11 1.37
CA CYS A 52 5.22 -1.05 0.81
C CYS A 52 5.91 -2.31 0.30
N PRO A 53 5.14 -3.40 0.18
CA PRO A 53 5.66 -4.69 -0.29
C PRO A 53 6.00 -4.65 -1.78
N SER A 54 5.45 -3.67 -2.49
CA SER A 54 5.70 -3.54 -3.92
C SER A 54 7.10 -3.00 -4.19
N CYS A 55 7.61 -2.21 -3.24
CA CYS A 55 8.95 -1.63 -3.36
C CYS A 55 9.98 -2.50 -2.66
N SER A 56 9.79 -2.69 -1.35
CA SER A 56 10.72 -3.49 -0.55
C SER A 56 11.27 -4.65 -1.38
N ASN A 57 10.39 -5.36 -2.06
CA ASN A 57 10.78 -6.49 -2.88
C ASN A 57 11.93 -6.11 -3.81
N LYS A 58 11.80 -4.97 -4.47
CA LYS A 58 12.82 -4.49 -5.39
C LYS A 58 14.22 -4.76 -4.84
N SER A 59 15.18 -4.95 -5.73
CA SER A 59 16.56 -5.21 -5.32
C SER A 59 17.49 -4.11 -5.82
N GLY A 60 18.06 -3.37 -4.89
CA GLY A 60 18.97 -2.29 -5.25
C GLY A 60 19.91 -1.92 -4.12
N PRO A 61 19.63 -0.79 -3.45
CA PRO A 61 20.45 -0.31 -2.33
C PRO A 61 20.32 -1.19 -1.10
N SER A 62 19.49 -2.21 -1.19
CA SER A 62 19.28 -3.13 -0.08
C SER A 62 19.93 -4.48 -0.35
N SER A 63 20.22 -5.21 0.71
CA SER A 63 20.85 -6.52 0.58
C SER A 63 20.00 -7.60 1.26
N GLY A 64 20.46 -8.85 1.17
CA GLY A 64 19.74 -9.95 1.78
C GLY A 64 18.99 -10.78 0.76
ZN ZN B . -5.33 -4.93 -0.63
ZN ZN C . 5.92 1.53 -2.69
N GLY A 1 -1.75 3.12 -21.16
CA GLY A 1 -2.18 1.97 -21.94
C GLY A 1 -2.79 0.88 -21.07
N SER A 2 -1.96 -0.08 -20.67
CA SER A 2 -2.43 -1.18 -19.84
C SER A 2 -2.95 -0.67 -18.50
N SER A 3 -3.54 -1.58 -17.72
CA SER A 3 -4.08 -1.22 -16.42
C SER A 3 -5.17 -0.16 -16.55
N GLY A 4 -6.02 -0.33 -17.56
CA GLY A 4 -7.10 0.62 -17.78
C GLY A 4 -7.68 1.15 -16.50
N SER A 5 -8.21 0.24 -15.67
CA SER A 5 -8.82 0.63 -14.41
C SER A 5 -7.75 0.96 -13.37
N SER A 6 -7.32 2.22 -13.36
CA SER A 6 -6.30 2.67 -12.42
C SER A 6 -6.91 2.95 -11.05
N GLY A 7 -6.41 2.24 -10.03
CA GLY A 7 -6.91 2.42 -8.69
C GLY A 7 -7.15 1.12 -7.97
N GLN A 8 -6.09 0.33 -7.83
CA GLN A 8 -6.19 -0.97 -7.16
C GLN A 8 -4.96 -1.22 -6.29
N CYS A 9 -5.13 -2.04 -5.25
CA CYS A 9 -4.03 -2.37 -4.35
C CYS A 9 -3.13 -3.42 -4.96
N GLY A 10 -1.91 -3.01 -5.33
CA GLY A 10 -0.96 -3.94 -5.92
C GLY A 10 -0.90 -5.25 -5.18
N ALA A 11 -1.05 -5.20 -3.86
CA ALA A 11 -1.00 -6.40 -3.03
C ALA A 11 -2.05 -7.41 -3.48
N CYS A 12 -3.32 -6.99 -3.44
CA CYS A 12 -4.42 -7.86 -3.84
C CYS A 12 -5.16 -7.28 -5.05
N GLY A 13 -5.50 -6.00 -4.96
CA GLY A 13 -6.21 -5.35 -6.04
C GLY A 13 -7.71 -5.54 -5.95
N GLU A 14 -8.25 -5.41 -4.74
CA GLU A 14 -9.68 -5.57 -4.52
C GLU A 14 -10.46 -4.41 -5.14
N SER A 15 -11.78 -4.46 -5.03
CA SER A 15 -12.64 -3.42 -5.57
C SER A 15 -12.72 -2.22 -4.62
N TYR A 16 -13.16 -1.09 -5.15
CA TYR A 16 -13.29 0.12 -4.35
C TYR A 16 -13.79 -0.19 -2.94
N ALA A 17 -12.97 0.13 -1.95
CA ALA A 17 -13.33 -0.12 -0.55
C ALA A 17 -14.05 1.09 0.04
N ALA A 18 -14.97 0.82 0.96
CA ALA A 18 -15.72 1.89 1.62
C ALA A 18 -15.23 2.12 3.04
N ASP A 19 -15.31 1.08 3.87
CA ASP A 19 -14.86 1.18 5.25
C ASP A 19 -13.61 0.34 5.48
N GLU A 20 -12.46 0.87 5.09
CA GLU A 20 -11.19 0.17 5.24
C GLU A 20 -10.05 1.15 5.51
N PHE A 21 -8.92 0.62 5.96
CA PHE A 21 -7.75 1.46 6.25
C PHE A 21 -6.65 1.22 5.22
N TRP A 22 -6.37 2.24 4.42
CA TRP A 22 -5.34 2.15 3.39
C TRP A 22 -4.00 2.63 3.93
N ILE A 23 -2.91 2.17 3.30
CA ILE A 23 -1.57 2.56 3.71
C ILE A 23 -0.98 3.60 2.77
N CYS A 24 -0.01 4.36 3.26
CA CYS A 24 0.63 5.39 2.46
C CYS A 24 2.11 5.10 2.28
N CYS A 25 2.55 5.02 1.03
CA CYS A 25 3.95 4.74 0.72
C CYS A 25 4.68 6.01 0.30
N ASP A 26 6.01 5.96 0.32
CA ASP A 26 6.83 7.11 -0.06
C ASP A 26 7.54 6.85 -1.38
N LEU A 27 8.21 5.70 -1.47
CA LEU A 27 8.93 5.34 -2.68
C LEU A 27 8.04 5.47 -3.91
N CYS A 28 7.00 4.65 -3.97
CA CYS A 28 6.07 4.68 -5.09
C CYS A 28 4.83 5.50 -4.76
N GLU A 29 4.48 5.54 -3.47
CA GLU A 29 3.32 6.30 -3.02
C GLU A 29 2.04 5.73 -3.62
N MET A 30 1.88 4.42 -3.53
CA MET A 30 0.69 3.74 -4.06
C MET A 30 -0.37 3.60 -2.98
N TRP A 31 -1.48 2.96 -3.34
CA TRP A 31 -2.57 2.75 -2.40
C TRP A 31 -2.77 1.26 -2.12
N PHE A 32 -2.51 0.86 -0.87
CA PHE A 32 -2.66 -0.54 -0.49
C PHE A 32 -3.56 -0.67 0.74
N HIS A 33 -3.70 -1.89 1.24
CA HIS A 33 -4.54 -2.15 2.41
C HIS A 33 -3.67 -2.38 3.65
N GLY A 34 -4.08 -1.77 4.76
CA GLY A 34 -3.33 -1.93 5.99
C GLY A 34 -2.97 -3.37 6.28
N LYS A 35 -3.93 -4.27 6.08
CA LYS A 35 -3.71 -5.69 6.33
C LYS A 35 -2.73 -6.26 5.31
N CYS A 36 -2.89 -5.88 4.05
CA CYS A 36 -2.02 -6.35 2.98
C CYS A 36 -0.57 -6.02 3.28
N VAL A 37 -0.31 -4.78 3.67
CA VAL A 37 1.03 -4.33 3.99
C VAL A 37 1.49 -4.89 5.34
N LYS A 38 0.67 -5.75 5.92
CA LYS A 38 0.99 -6.35 7.21
C LYS A 38 1.14 -5.27 8.30
N ILE A 39 0.24 -4.30 8.28
CA ILE A 39 0.26 -3.21 9.25
C ILE A 39 -1.12 -3.00 9.87
N THR A 40 -1.14 -2.77 11.18
CA THR A 40 -2.40 -2.54 11.89
C THR A 40 -2.82 -1.08 11.80
N PRO A 41 -4.13 -0.84 11.95
CA PRO A 41 -4.70 0.51 11.89
C PRO A 41 -4.30 1.36 13.09
N ALA A 42 -3.88 0.70 14.18
CA ALA A 42 -3.47 1.40 15.39
C ALA A 42 -1.98 1.73 15.34
N ARG A 43 -1.17 0.74 15.00
CA ARG A 43 0.28 0.94 14.92
C ARG A 43 0.63 1.99 13.87
N ALA A 44 -0.11 1.99 12.77
CA ALA A 44 0.12 2.94 11.70
C ALA A 44 0.52 4.31 12.25
N GLU A 45 -0.13 4.72 13.33
CA GLU A 45 0.16 6.01 13.95
C GLU A 45 1.66 6.20 14.12
N HIS A 46 2.33 5.20 14.69
CA HIS A 46 3.77 5.26 14.90
C HIS A 46 4.52 5.17 13.58
N ILE A 47 4.03 4.33 12.68
CA ILE A 47 4.65 4.15 11.38
C ILE A 47 4.66 5.46 10.58
N LYS A 48 5.77 5.73 9.92
CA LYS A 48 5.91 6.94 9.13
C LYS A 48 6.57 6.65 7.78
N GLN A 49 5.77 6.62 6.72
CA GLN A 49 6.28 6.35 5.38
C GLN A 49 6.83 4.93 5.29
N TYR A 50 6.00 3.96 5.64
CA TYR A 50 6.40 2.55 5.60
C TYR A 50 6.75 2.13 4.19
N LYS A 51 7.66 1.16 4.06
CA LYS A 51 8.08 0.66 2.76
C LYS A 51 7.17 -0.46 2.29
N CYS A 52 6.17 -0.12 1.48
CA CYS A 52 5.23 -1.09 0.96
C CYS A 52 5.96 -2.32 0.42
N PRO A 53 5.25 -3.46 0.36
CA PRO A 53 5.82 -4.72 -0.13
C PRO A 53 6.06 -4.69 -1.63
N SER A 54 5.39 -3.78 -2.33
CA SER A 54 5.53 -3.65 -3.77
C SER A 54 6.87 -3.01 -4.13
N CYS A 55 7.40 -2.21 -3.21
CA CYS A 55 8.67 -1.53 -3.43
C CYS A 55 9.82 -2.35 -2.82
N SER A 56 9.70 -2.65 -1.54
CA SER A 56 10.73 -3.42 -0.84
C SER A 56 11.18 -4.62 -1.68
N ASN A 57 10.26 -5.15 -2.47
CA ASN A 57 10.56 -6.30 -3.31
C ASN A 57 11.79 -6.04 -4.18
N LYS A 58 11.72 -4.98 -4.99
CA LYS A 58 12.84 -4.61 -5.86
C LYS A 58 14.08 -4.27 -5.05
N SER A 59 15.21 -4.18 -5.73
CA SER A 59 16.48 -3.87 -5.07
C SER A 59 16.78 -2.37 -5.16
N GLY A 60 16.31 -1.61 -4.19
CA GLY A 60 16.54 -0.18 -4.17
C GLY A 60 16.73 0.37 -2.77
N PRO A 61 17.87 0.04 -2.16
CA PRO A 61 18.20 0.50 -0.80
C PRO A 61 18.48 1.99 -0.74
N SER A 62 17.58 2.74 -0.10
CA SER A 62 17.74 4.19 0.01
C SER A 62 17.09 4.69 1.29
N SER A 63 17.60 5.81 1.81
CA SER A 63 17.07 6.41 3.03
C SER A 63 16.87 5.34 4.11
N GLY A 64 17.82 4.42 4.22
CA GLY A 64 17.72 3.36 5.21
C GLY A 64 16.57 2.43 4.93
ZN ZN B . -4.73 -5.19 -0.76
ZN ZN C . 5.60 1.59 -2.47
N GLY A 1 -13.27 -6.47 -18.05
CA GLY A 1 -12.60 -5.31 -18.58
C GLY A 1 -11.65 -4.67 -17.59
N SER A 2 -10.57 -4.08 -18.09
CA SER A 2 -9.58 -3.44 -17.24
C SER A 2 -9.75 -1.92 -17.24
N SER A 3 -10.50 -1.42 -16.27
CA SER A 3 -10.76 0.01 -16.16
C SER A 3 -11.13 0.38 -14.73
N GLY A 4 -11.11 1.68 -14.43
CA GLY A 4 -11.44 2.15 -13.10
C GLY A 4 -11.09 3.61 -12.89
N SER A 5 -12.10 4.46 -12.86
CA SER A 5 -11.90 5.89 -12.67
C SER A 5 -10.78 6.16 -11.66
N SER A 6 -10.92 5.59 -10.47
CA SER A 6 -9.92 5.75 -9.42
C SER A 6 -8.93 4.59 -9.43
N GLY A 7 -7.80 4.79 -8.75
CA GLY A 7 -6.79 3.75 -8.69
C GLY A 7 -7.23 2.54 -7.89
N GLN A 8 -6.46 1.47 -7.96
CA GLN A 8 -6.79 0.25 -7.23
C GLN A 8 -5.57 -0.30 -6.51
N CYS A 9 -5.81 -1.03 -5.43
CA CYS A 9 -4.73 -1.61 -4.63
C CYS A 9 -3.85 -2.51 -5.49
N GLY A 10 -2.54 -2.33 -5.38
CA GLY A 10 -1.61 -3.14 -6.15
C GLY A 10 -1.40 -4.52 -5.56
N ALA A 11 -1.37 -4.59 -4.23
CA ALA A 11 -1.19 -5.86 -3.54
C ALA A 11 -2.22 -6.88 -3.98
N CYS A 12 -3.48 -6.62 -3.66
CA CYS A 12 -4.57 -7.52 -4.02
C CYS A 12 -5.50 -6.87 -5.04
N GLY A 13 -5.87 -5.62 -4.78
CA GLY A 13 -6.75 -4.90 -5.68
C GLY A 13 -8.21 -5.10 -5.33
N GLU A 14 -8.53 -5.00 -4.05
CA GLU A 14 -9.90 -5.17 -3.59
C GLU A 14 -10.71 -3.89 -3.80
N SER A 15 -11.98 -3.90 -3.40
CA SER A 15 -12.86 -2.76 -3.55
C SER A 15 -12.43 -1.62 -2.63
N TYR A 16 -12.89 -0.42 -2.93
CA TYR A 16 -12.56 0.75 -2.13
C TYR A 16 -13.29 0.72 -0.79
N ALA A 17 -12.67 1.33 0.23
CA ALA A 17 -13.26 1.37 1.57
C ALA A 17 -13.40 2.80 2.05
N ALA A 18 -14.17 2.99 3.12
CA ALA A 18 -14.38 4.31 3.69
C ALA A 18 -13.99 4.35 5.17
N ASP A 19 -14.64 3.50 5.96
CA ASP A 19 -14.36 3.42 7.39
C ASP A 19 -13.23 2.43 7.68
N GLU A 20 -12.14 2.56 6.94
CA GLU A 20 -10.99 1.68 7.11
C GLU A 20 -9.68 2.43 6.92
N PHE A 21 -8.64 2.00 7.63
CA PHE A 21 -7.33 2.64 7.54
C PHE A 21 -6.67 2.32 6.20
N TRP A 22 -5.89 3.28 5.69
CA TRP A 22 -5.20 3.11 4.42
C TRP A 22 -3.70 3.34 4.58
N ILE A 23 -2.91 2.52 3.90
CA ILE A 23 -1.45 2.64 3.97
C ILE A 23 -0.89 3.21 2.67
N CYS A 24 -0.38 4.45 2.74
CA CYS A 24 0.20 5.10 1.58
C CYS A 24 1.72 4.95 1.56
N CYS A 25 2.24 4.47 0.44
CA CYS A 25 3.68 4.28 0.29
C CYS A 25 4.36 5.56 -0.20
N ASP A 26 5.66 5.64 0.00
CA ASP A 26 6.43 6.81 -0.43
C ASP A 26 7.03 6.60 -1.81
N LEU A 27 7.52 5.38 -2.05
CA LEU A 27 8.12 5.04 -3.34
C LEU A 27 7.07 4.99 -4.44
N CYS A 28 6.18 4.01 -4.34
CA CYS A 28 5.11 3.84 -5.33
C CYS A 28 4.08 4.96 -5.21
N GLU A 29 3.67 5.24 -3.98
CA GLU A 29 2.69 6.29 -3.73
C GLU A 29 1.31 5.86 -4.22
N MET A 30 0.94 4.61 -3.93
CA MET A 30 -0.36 4.09 -4.35
C MET A 30 -1.25 3.85 -3.14
N TRP A 31 -2.49 3.41 -3.39
CA TRP A 31 -3.44 3.15 -2.32
C TRP A 31 -3.52 1.66 -2.02
N PHE A 32 -2.89 1.25 -0.91
CA PHE A 32 -2.88 -0.15 -0.51
C PHE A 32 -3.77 -0.36 0.72
N HIS A 33 -3.89 -1.62 1.14
CA HIS A 33 -4.71 -1.96 2.30
C HIS A 33 -3.82 -2.39 3.46
N GLY A 34 -4.16 -1.91 4.66
CA GLY A 34 -3.39 -2.26 5.85
C GLY A 34 -3.08 -3.74 5.92
N LYS A 35 -4.11 -4.56 5.83
CA LYS A 35 -3.95 -6.01 5.89
C LYS A 35 -3.05 -6.50 4.77
N CYS A 36 -3.16 -5.88 3.60
CA CYS A 36 -2.36 -6.26 2.45
C CYS A 36 -0.87 -6.02 2.73
N VAL A 37 -0.57 -4.91 3.39
CA VAL A 37 0.81 -4.57 3.72
C VAL A 37 1.22 -5.20 5.04
N LYS A 38 0.36 -6.02 5.60
CA LYS A 38 0.63 -6.69 6.87
C LYS A 38 0.81 -5.68 7.99
N ILE A 39 0.09 -4.57 7.90
CA ILE A 39 0.16 -3.52 8.91
C ILE A 39 -1.19 -3.32 9.59
N THR A 40 -1.16 -3.12 10.91
CA THR A 40 -2.37 -2.91 11.68
C THR A 40 -2.73 -1.43 11.75
N PRO A 41 -4.04 -1.15 11.92
CA PRO A 41 -4.54 0.22 12.01
C PRO A 41 -4.12 0.92 13.29
N ALA A 42 -3.53 0.16 14.20
CA ALA A 42 -3.07 0.71 15.48
C ALA A 42 -1.60 1.09 15.42
N ARG A 43 -0.80 0.29 14.72
CA ARG A 43 0.62 0.55 14.58
C ARG A 43 0.87 1.65 13.56
N ALA A 44 0.12 1.62 12.46
CA ALA A 44 0.26 2.62 11.41
C ALA A 44 0.45 4.01 11.99
N GLU A 45 -0.27 4.30 13.07
CA GLU A 45 -0.18 5.60 13.72
C GLU A 45 1.28 6.00 13.93
N HIS A 46 2.10 5.04 14.37
CA HIS A 46 3.51 5.30 14.60
C HIS A 46 4.30 5.29 13.29
N ILE A 47 3.86 4.48 12.35
CA ILE A 47 4.51 4.38 11.05
C ILE A 47 4.29 5.63 10.23
N LYS A 48 5.35 6.10 9.56
CA LYS A 48 5.27 7.29 8.73
C LYS A 48 5.95 7.07 7.38
N GLN A 49 5.16 6.82 6.35
CA GLN A 49 5.68 6.59 5.02
C GLN A 49 6.43 5.26 4.95
N TYR A 50 5.76 4.19 5.33
CA TYR A 50 6.36 2.86 5.32
C TYR A 50 6.65 2.41 3.89
N LYS A 51 7.67 1.57 3.73
CA LYS A 51 8.04 1.06 2.42
C LYS A 51 7.28 -0.22 2.09
N CYS A 52 6.16 -0.07 1.40
CA CYS A 52 5.34 -1.20 1.01
C CYS A 52 6.20 -2.38 0.56
N PRO A 53 5.66 -3.59 0.70
CA PRO A 53 6.37 -4.82 0.32
C PRO A 53 6.52 -4.96 -1.20
N SER A 54 5.80 -4.10 -1.93
CA SER A 54 5.86 -4.12 -3.39
C SER A 54 7.20 -3.59 -3.89
N CYS A 55 7.70 -2.56 -3.23
CA CYS A 55 8.97 -1.95 -3.61
C CYS A 55 10.13 -2.58 -2.84
N SER A 56 10.06 -2.51 -1.52
CA SER A 56 11.09 -3.08 -0.66
C SER A 56 11.53 -4.45 -1.18
N ASN A 57 10.65 -5.10 -1.94
CA ASN A 57 10.94 -6.41 -2.48
C ASN A 57 12.15 -6.36 -3.41
N LYS A 58 12.03 -5.58 -4.48
CA LYS A 58 13.11 -5.44 -5.45
C LYS A 58 14.38 -4.92 -4.78
N SER A 59 14.20 -4.05 -3.80
CA SER A 59 15.33 -3.46 -3.07
C SER A 59 16.37 -4.53 -2.75
N GLY A 60 15.94 -5.60 -2.07
CA GLY A 60 16.84 -6.66 -1.71
C GLY A 60 18.18 -6.16 -1.22
N PRO A 61 19.24 -6.94 -1.46
CA PRO A 61 20.60 -6.59 -1.04
C PRO A 61 21.16 -5.41 -1.84
N SER A 62 22.41 -5.05 -1.55
CA SER A 62 23.06 -3.94 -2.23
C SER A 62 23.35 -4.30 -3.69
N SER A 63 24.02 -5.43 -3.89
CA SER A 63 24.37 -5.88 -5.24
C SER A 63 23.46 -7.02 -5.68
N GLY A 64 23.43 -8.09 -4.87
CA GLY A 64 22.60 -9.23 -5.20
C GLY A 64 23.11 -10.00 -6.41
ZN ZN B . -5.26 -4.81 -1.15
ZN ZN C . 6.10 1.04 -2.42
N GLY A 1 -7.97 0.91 -24.36
CA GLY A 1 -7.60 1.96 -23.43
C GLY A 1 -7.57 1.50 -21.99
N SER A 2 -8.73 1.09 -21.49
CA SER A 2 -8.84 0.62 -20.11
C SER A 2 -8.18 1.60 -19.15
N SER A 3 -8.42 2.89 -19.38
CA SER A 3 -7.85 3.94 -18.54
C SER A 3 -8.95 4.83 -17.96
N GLY A 4 -8.96 4.97 -16.64
CA GLY A 4 -9.96 5.79 -15.99
C GLY A 4 -9.90 5.70 -14.48
N SER A 5 -8.88 6.33 -13.89
CA SER A 5 -8.71 6.31 -12.44
C SER A 5 -8.60 4.88 -11.93
N SER A 6 -7.83 4.05 -12.64
CA SER A 6 -7.64 2.66 -12.26
C SER A 6 -6.77 2.55 -11.02
N GLY A 7 -7.40 2.64 -9.85
CA GLY A 7 -6.67 2.55 -8.60
C GLY A 7 -7.11 1.38 -7.75
N GLN A 8 -6.34 0.30 -7.79
CA GLN A 8 -6.66 -0.89 -7.02
C GLN A 8 -5.44 -1.40 -6.27
N CYS A 9 -5.65 -1.88 -5.04
CA CYS A 9 -4.57 -2.40 -4.22
C CYS A 9 -3.82 -3.51 -4.95
N GLY A 10 -2.50 -3.37 -5.03
CA GLY A 10 -1.69 -4.37 -5.69
C GLY A 10 -1.75 -5.73 -5.01
N ALA A 11 -1.70 -5.72 -3.69
CA ALA A 11 -1.75 -6.96 -2.91
C ALA A 11 -2.97 -7.80 -3.30
N CYS A 12 -4.14 -7.17 -3.29
CA CYS A 12 -5.38 -7.86 -3.64
C CYS A 12 -6.18 -7.05 -4.64
N GLY A 13 -6.31 -5.75 -4.37
CA GLY A 13 -7.06 -4.88 -5.26
C GLY A 13 -8.56 -4.92 -4.98
N GLU A 14 -8.92 -4.92 -3.71
CA GLU A 14 -10.32 -4.96 -3.32
C GLU A 14 -11.10 -3.81 -3.95
N SER A 15 -12.43 -3.86 -3.83
CA SER A 15 -13.29 -2.83 -4.40
C SER A 15 -13.58 -1.75 -3.37
N TYR A 16 -14.04 -0.60 -3.85
CA TYR A 16 -14.36 0.52 -2.98
C TYR A 16 -14.96 0.04 -1.67
N ALA A 17 -14.21 0.18 -0.59
CA ALA A 17 -14.68 -0.23 0.74
C ALA A 17 -15.23 0.95 1.52
N ALA A 18 -15.88 0.64 2.63
CA ALA A 18 -16.46 1.68 3.49
C ALA A 18 -15.44 2.21 4.48
N ASP A 19 -15.01 1.34 5.39
CA ASP A 19 -14.03 1.73 6.40
C ASP A 19 -12.73 0.94 6.24
N GLU A 20 -11.99 1.26 5.18
CA GLU A 20 -10.73 0.57 4.90
C GLU A 20 -9.54 1.47 5.25
N PHE A 21 -8.52 0.87 5.87
CA PHE A 21 -7.33 1.62 6.25
C PHE A 21 -6.21 1.41 5.24
N TRP A 22 -5.93 2.44 4.45
CA TRP A 22 -4.89 2.38 3.44
C TRP A 22 -3.56 2.85 4.00
N ILE A 23 -2.47 2.34 3.43
CA ILE A 23 -1.13 2.72 3.88
C ILE A 23 -0.48 3.70 2.90
N CYS A 24 0.46 4.50 3.41
CA CYS A 24 1.15 5.47 2.58
C CYS A 24 2.55 4.97 2.21
N CYS A 25 2.96 5.26 0.98
CA CYS A 25 4.28 4.84 0.51
C CYS A 25 5.03 6.01 -0.14
N ASP A 26 6.16 6.36 0.44
CA ASP A 26 6.97 7.46 -0.08
C ASP A 26 7.84 6.99 -1.24
N LEU A 27 7.30 6.09 -2.06
CA LEU A 27 8.03 5.56 -3.20
C LEU A 27 7.15 5.53 -4.45
N CYS A 28 6.14 4.67 -4.44
CA CYS A 28 5.22 4.55 -5.56
C CYS A 28 3.94 5.34 -5.31
N GLU A 29 3.56 5.45 -4.04
CA GLU A 29 2.35 6.18 -3.66
C GLU A 29 1.10 5.47 -4.17
N MET A 30 1.04 4.16 -3.98
CA MET A 30 -0.10 3.36 -4.43
C MET A 30 -1.19 3.33 -3.36
N TRP A 31 -2.24 2.56 -3.62
CA TRP A 31 -3.35 2.43 -2.68
C TRP A 31 -3.43 1.02 -2.13
N PHE A 32 -2.71 0.76 -1.04
CA PHE A 32 -2.71 -0.55 -0.41
C PHE A 32 -3.54 -0.55 0.86
N HIS A 33 -3.59 -1.70 1.54
CA HIS A 33 -4.35 -1.82 2.78
C HIS A 33 -3.43 -2.24 3.93
N GLY A 34 -3.62 -1.60 5.08
CA GLY A 34 -2.80 -1.91 6.24
C GLY A 34 -2.52 -3.40 6.37
N LYS A 35 -3.59 -4.18 6.55
CA LYS A 35 -3.46 -5.62 6.68
C LYS A 35 -2.67 -6.21 5.52
N CYS A 36 -2.99 -5.77 4.30
CA CYS A 36 -2.32 -6.27 3.11
C CYS A 36 -0.81 -6.01 3.20
N VAL A 37 -0.44 -4.82 3.64
CA VAL A 37 0.96 -4.45 3.77
C VAL A 37 1.55 -4.99 5.06
N LYS A 38 0.84 -5.93 5.69
CA LYS A 38 1.28 -6.54 6.93
C LYS A 38 1.43 -5.50 8.03
N ILE A 39 0.42 -4.63 8.15
CA ILE A 39 0.43 -3.58 9.16
C ILE A 39 -0.97 -3.36 9.74
N THR A 40 -1.04 -3.20 11.06
CA THR A 40 -2.31 -2.98 11.72
C THR A 40 -2.71 -1.51 11.69
N PRO A 41 -4.02 -1.24 11.76
CA PRO A 41 -4.56 0.12 11.73
C PRO A 41 -4.24 0.90 13.01
N ALA A 42 -3.65 0.20 13.99
CA ALA A 42 -3.29 0.83 15.25
C ALA A 42 -1.83 1.27 15.24
N ARG A 43 -0.95 0.39 14.77
CA ARG A 43 0.47 0.69 14.72
C ARG A 43 0.76 1.77 13.69
N ALA A 44 0.04 1.72 12.57
CA ALA A 44 0.23 2.71 11.51
C ALA A 44 0.42 4.11 12.09
N GLU A 45 -0.34 4.43 13.12
CA GLU A 45 -0.26 5.74 13.75
C GLU A 45 1.20 6.13 14.00
N HIS A 46 1.99 5.17 14.47
CA HIS A 46 3.41 5.42 14.73
C HIS A 46 4.21 5.48 13.44
N ILE A 47 3.86 4.61 12.49
CA ILE A 47 4.55 4.57 11.21
C ILE A 47 4.26 5.83 10.39
N LYS A 48 5.30 6.38 9.77
CA LYS A 48 5.17 7.57 8.96
C LYS A 48 5.42 7.27 7.49
N GLN A 49 6.64 6.84 7.19
CA GLN A 49 7.02 6.51 5.82
C GLN A 49 7.42 5.04 5.70
N TYR A 50 6.42 4.16 5.63
CA TYR A 50 6.66 2.73 5.51
C TYR A 50 6.89 2.33 4.06
N LYS A 51 7.67 1.28 3.86
CA LYS A 51 7.96 0.79 2.51
C LYS A 51 6.99 -0.32 2.11
N CYS A 52 6.06 0.01 1.22
CA CYS A 52 5.07 -0.96 0.76
C CYS A 52 5.75 -2.26 0.33
N PRO A 53 5.00 -3.37 0.39
CA PRO A 53 5.51 -4.69 0.00
C PRO A 53 5.73 -4.81 -1.50
N SER A 54 5.41 -3.74 -2.23
CA SER A 54 5.58 -3.73 -3.68
C SER A 54 6.92 -3.11 -4.07
N CYS A 55 7.42 -2.20 -3.23
CA CYS A 55 8.67 -1.54 -3.49
C CYS A 55 9.83 -2.26 -2.79
N SER A 56 9.64 -2.56 -1.51
CA SER A 56 10.67 -3.25 -0.72
C SER A 56 11.23 -4.44 -1.50
N ASN A 57 10.43 -4.97 -2.42
CA ASN A 57 10.84 -6.10 -3.24
C ASN A 57 11.37 -5.64 -4.60
N LYS A 58 10.49 -5.01 -5.38
CA LYS A 58 10.86 -4.51 -6.70
C LYS A 58 11.41 -5.64 -7.56
N SER A 59 10.86 -6.84 -7.39
CA SER A 59 11.30 -8.00 -8.16
C SER A 59 11.33 -7.69 -9.65
N GLY A 60 12.47 -7.94 -10.28
CA GLY A 60 12.61 -7.69 -11.69
C GLY A 60 14.06 -7.48 -12.11
N PRO A 61 14.31 -7.53 -13.42
CA PRO A 61 15.66 -7.35 -13.98
C PRO A 61 16.16 -5.92 -13.83
N SER A 62 15.44 -5.12 -13.06
CA SER A 62 15.81 -3.72 -12.83
C SER A 62 17.32 -3.55 -12.88
N SER A 63 17.80 -2.81 -13.88
CA SER A 63 19.23 -2.57 -14.03
C SER A 63 19.85 -2.12 -12.72
N GLY A 64 21.06 -2.61 -12.44
CA GLY A 64 21.74 -2.24 -11.21
C GLY A 64 23.25 -2.28 -11.36
ZN ZN B . -5.33 -5.27 -0.61
ZN ZN C . 5.57 1.69 -2.94
N GLY A 1 -2.70 -12.98 -21.14
CA GLY A 1 -3.40 -11.71 -21.14
C GLY A 1 -2.46 -10.52 -21.21
N SER A 2 -3.01 -9.33 -21.02
CA SER A 2 -2.21 -8.11 -21.07
C SER A 2 -1.96 -7.58 -19.66
N SER A 3 -0.69 -7.51 -19.28
CA SER A 3 -0.31 -7.01 -17.97
C SER A 3 -1.23 -5.86 -17.53
N GLY A 4 -2.06 -6.13 -16.54
CA GLY A 4 -2.98 -5.12 -16.05
C GLY A 4 -2.65 -4.67 -14.64
N SER A 5 -1.91 -3.59 -14.52
CA SER A 5 -1.51 -3.07 -13.21
C SER A 5 -2.55 -2.07 -12.70
N SER A 6 -2.96 -1.15 -13.58
CA SER A 6 -3.94 -0.15 -13.21
C SER A 6 -4.96 -0.70 -12.22
N GLY A 7 -4.94 -0.16 -11.00
CA GLY A 7 -5.87 -0.61 -9.97
C GLY A 7 -5.85 0.28 -8.74
N GLN A 8 -6.24 -0.28 -7.61
CA GLN A 8 -6.28 0.48 -6.36
C GLN A 8 -5.21 -0.03 -5.39
N CYS A 9 -5.40 -1.27 -4.93
CA CYS A 9 -4.45 -1.87 -3.99
C CYS A 9 -3.71 -3.03 -4.64
N GLY A 10 -2.54 -2.74 -5.20
CA GLY A 10 -1.75 -3.76 -5.85
C GLY A 10 -1.86 -5.11 -5.15
N ALA A 11 -2.04 -5.08 -3.84
CA ALA A 11 -2.16 -6.30 -3.06
C ALA A 11 -3.37 -7.11 -3.50
N CYS A 12 -4.56 -6.50 -3.41
CA CYS A 12 -5.79 -7.17 -3.81
C CYS A 12 -6.66 -6.24 -4.65
N GLY A 13 -6.81 -5.00 -4.20
CA GLY A 13 -7.62 -4.04 -4.93
C GLY A 13 -9.11 -4.28 -4.74
N GLU A 14 -9.56 -4.34 -3.50
CA GLU A 14 -10.97 -4.57 -3.20
C GLU A 14 -11.81 -3.38 -3.63
N SER A 15 -13.12 -3.59 -3.68
CA SER A 15 -14.05 -2.53 -4.08
C SER A 15 -13.95 -1.34 -3.14
N TYR A 16 -14.41 -0.19 -3.61
CA TYR A 16 -14.37 1.03 -2.82
C TYR A 16 -15.29 0.93 -1.60
N ALA A 17 -14.69 0.94 -0.42
CA ALA A 17 -15.46 0.84 0.82
C ALA A 17 -15.21 2.05 1.72
N ALA A 18 -16.18 2.37 2.56
CA ALA A 18 -16.07 3.50 3.47
C ALA A 18 -15.29 3.12 4.72
N ASP A 19 -15.55 1.92 5.24
CA ASP A 19 -14.89 1.44 6.44
C ASP A 19 -13.62 0.66 6.07
N GLU A 20 -12.53 1.39 5.81
CA GLU A 20 -11.27 0.76 5.45
C GLU A 20 -10.09 1.67 5.78
N PHE A 21 -8.92 1.08 5.96
CA PHE A 21 -7.72 1.84 6.28
C PHE A 21 -6.63 1.61 5.24
N TRP A 22 -6.42 2.59 4.38
CA TRP A 22 -5.41 2.50 3.33
C TRP A 22 -4.05 2.95 3.85
N ILE A 23 -2.99 2.37 3.29
CA ILE A 23 -1.63 2.71 3.70
C ILE A 23 -0.97 3.63 2.68
N CYS A 24 -0.05 4.47 3.14
CA CYS A 24 0.66 5.39 2.26
C CYS A 24 2.13 4.99 2.12
N CYS A 25 2.63 5.02 0.90
CA CYS A 25 4.01 4.66 0.63
C CYS A 25 4.77 5.83 0.00
N ASP A 26 5.84 6.25 0.66
CA ASP A 26 6.65 7.36 0.17
C ASP A 26 7.66 6.88 -0.86
N LEU A 27 7.28 5.87 -1.64
CA LEU A 27 8.15 5.32 -2.66
C LEU A 27 7.40 5.13 -3.98
N CYS A 28 6.28 4.41 -3.91
CA CYS A 28 5.46 4.14 -5.08
C CYS A 28 4.26 5.09 -5.14
N GLU A 29 3.80 5.51 -3.96
CA GLU A 29 2.65 6.40 -3.88
C GLU A 29 1.37 5.70 -4.32
N MET A 30 1.20 4.46 -3.86
CA MET A 30 0.01 3.68 -4.20
C MET A 30 -0.98 3.66 -3.05
N TRP A 31 -2.07 2.91 -3.22
CA TRP A 31 -3.10 2.82 -2.19
C TRP A 31 -3.33 1.36 -1.80
N PHE A 32 -2.65 0.90 -0.76
CA PHE A 32 -2.80 -0.47 -0.28
C PHE A 32 -3.61 -0.52 1.01
N HIS A 33 -3.87 -1.74 1.48
CA HIS A 33 -4.63 -1.93 2.71
C HIS A 33 -3.71 -2.30 3.87
N GLY A 34 -3.94 -1.68 5.02
CA GLY A 34 -3.12 -1.96 6.18
C GLY A 34 -2.78 -3.43 6.31
N LYS A 35 -3.80 -4.26 6.51
CA LYS A 35 -3.61 -5.70 6.64
C LYS A 35 -2.82 -6.26 5.46
N CYS A 36 -3.13 -5.78 4.26
CA CYS A 36 -2.46 -6.23 3.05
C CYS A 36 -0.96 -5.97 3.14
N VAL A 37 -0.59 -4.75 3.52
CA VAL A 37 0.81 -4.37 3.64
C VAL A 37 1.40 -4.88 4.95
N LYS A 38 0.66 -5.75 5.63
CA LYS A 38 1.10 -6.32 6.90
C LYS A 38 1.30 -5.23 7.94
N ILE A 39 0.30 -4.36 8.07
CA ILE A 39 0.36 -3.26 9.03
C ILE A 39 -1.01 -3.02 9.66
N THR A 40 -1.07 -3.12 10.99
CA THR A 40 -2.32 -2.91 11.71
C THR A 40 -2.79 -1.47 11.59
N PRO A 41 -4.11 -1.26 11.71
CA PRO A 41 -4.71 0.07 11.61
C PRO A 41 -4.38 0.94 12.82
N ALA A 42 -3.79 0.33 13.85
CA ALA A 42 -3.42 1.05 15.06
C ALA A 42 -1.96 1.47 15.02
N ARG A 43 -1.08 0.50 14.73
CA ARG A 43 0.35 0.77 14.66
C ARG A 43 0.65 1.91 13.70
N ALA A 44 -0.08 1.94 12.59
CA ALA A 44 0.11 2.97 11.58
C ALA A 44 0.43 4.32 12.23
N GLU A 45 -0.23 4.61 13.34
CA GLU A 45 -0.01 5.87 14.05
C GLU A 45 1.48 6.12 14.25
N HIS A 46 2.20 5.10 14.70
CA HIS A 46 3.64 5.22 14.93
C HIS A 46 4.39 5.28 13.60
N ILE A 47 3.94 4.49 12.64
CA ILE A 47 4.57 4.45 11.33
C ILE A 47 4.44 5.79 10.61
N LYS A 48 5.45 6.15 9.82
CA LYS A 48 5.43 7.40 9.08
C LYS A 48 5.66 7.15 7.59
N GLN A 49 6.80 6.54 7.27
CA GLN A 49 7.13 6.25 5.88
C GLN A 49 7.52 4.78 5.71
N TYR A 50 6.54 3.90 5.84
CA TYR A 50 6.78 2.46 5.71
C TYR A 50 7.07 2.09 4.26
N LYS A 51 7.88 1.05 4.07
CA LYS A 51 8.25 0.59 2.74
C LYS A 51 7.40 -0.61 2.32
N CYS A 52 6.36 -0.35 1.54
CA CYS A 52 5.47 -1.41 1.08
C CYS A 52 6.26 -2.56 0.47
N PRO A 53 5.65 -3.75 0.43
CA PRO A 53 6.28 -4.96 -0.12
C PRO A 53 6.45 -4.88 -1.64
N SER A 54 5.66 -4.01 -2.26
CA SER A 54 5.72 -3.85 -3.72
C SER A 54 7.08 -3.31 -4.14
N CYS A 55 7.61 -2.37 -3.38
CA CYS A 55 8.91 -1.78 -3.69
C CYS A 55 10.03 -2.53 -2.97
N SER A 56 9.93 -2.61 -1.65
CA SER A 56 10.93 -3.29 -0.84
C SER A 56 11.49 -4.51 -1.59
N ASN A 57 10.61 -5.20 -2.30
CA ASN A 57 11.01 -6.39 -3.05
C ASN A 57 12.35 -6.16 -3.74
N LYS A 58 12.47 -5.06 -4.46
CA LYS A 58 13.70 -4.73 -5.16
C LYS A 58 14.86 -4.56 -4.19
N SER A 59 16.09 -4.57 -4.71
CA SER A 59 17.28 -4.42 -3.88
C SER A 59 18.45 -3.89 -4.70
N GLY A 60 19.16 -2.92 -4.15
CA GLY A 60 20.30 -2.35 -4.84
C GLY A 60 20.53 -0.89 -4.49
N PRO A 61 20.09 0.01 -5.37
CA PRO A 61 20.24 1.46 -5.17
C PRO A 61 19.33 1.98 -4.05
N SER A 62 18.67 1.06 -3.37
CA SER A 62 17.77 1.43 -2.27
C SER A 62 18.35 2.59 -1.47
N SER A 63 17.46 3.32 -0.79
CA SER A 63 17.88 4.47 0.01
C SER A 63 17.36 4.35 1.44
N GLY A 64 18.28 4.21 2.38
CA GLY A 64 17.91 4.08 3.79
C GLY A 64 18.91 4.73 4.71
ZN ZN B . -5.56 -4.97 -0.47
ZN ZN C . 5.98 1.08 -2.11
N GLY A 1 -16.51 2.44 -7.75
CA GLY A 1 -16.01 3.64 -8.40
C GLY A 1 -15.45 3.36 -9.77
N SER A 2 -16.11 3.86 -10.80
CA SER A 2 -15.67 3.66 -12.18
C SER A 2 -15.03 4.93 -12.74
N SER A 3 -13.71 4.90 -12.88
CA SER A 3 -12.99 6.06 -13.41
C SER A 3 -12.33 5.72 -14.74
N GLY A 4 -11.57 4.63 -14.77
CA GLY A 4 -10.90 4.22 -15.99
C GLY A 4 -9.71 3.31 -15.71
N SER A 5 -9.98 2.17 -15.07
CA SER A 5 -8.92 1.22 -14.75
C SER A 5 -7.85 1.87 -13.87
N SER A 6 -8.29 2.62 -12.87
CA SER A 6 -7.37 3.30 -11.97
C SER A 6 -7.89 3.26 -10.54
N GLY A 7 -6.97 3.14 -9.58
CA GLY A 7 -7.36 3.10 -8.18
C GLY A 7 -7.65 1.69 -7.71
N GLN A 8 -6.60 0.89 -7.52
CA GLN A 8 -6.75 -0.48 -7.07
C GLN A 8 -5.52 -0.93 -6.27
N CYS A 9 -5.75 -1.65 -5.19
CA CYS A 9 -4.67 -2.14 -4.34
C CYS A 9 -3.84 -3.18 -5.07
N GLY A 10 -2.55 -2.89 -5.24
CA GLY A 10 -1.66 -3.81 -5.93
C GLY A 10 -1.57 -5.15 -5.24
N ALA A 11 -1.57 -5.13 -3.90
CA ALA A 11 -1.49 -6.37 -3.13
C ALA A 11 -2.60 -7.34 -3.52
N CYS A 12 -3.84 -6.86 -3.46
CA CYS A 12 -4.99 -7.68 -3.81
C CYS A 12 -5.89 -6.98 -4.82
N GLY A 13 -6.12 -5.70 -4.60
CA GLY A 13 -6.96 -4.92 -5.51
C GLY A 13 -8.43 -5.19 -5.30
N GLU A 14 -8.84 -5.37 -4.05
CA GLU A 14 -10.23 -5.64 -3.72
C GLU A 14 -11.13 -4.49 -4.20
N SER A 15 -12.44 -4.76 -4.25
CA SER A 15 -13.40 -3.77 -4.68
C SER A 15 -13.39 -2.56 -3.75
N TYR A 16 -13.91 -1.44 -4.24
CA TYR A 16 -13.95 -0.21 -3.45
C TYR A 16 -14.52 -0.49 -2.07
N ALA A 17 -13.68 -0.27 -1.04
CA ALA A 17 -14.10 -0.49 0.34
C ALA A 17 -14.40 0.82 1.04
N ALA A 18 -15.23 0.76 2.08
CA ALA A 18 -15.58 1.96 2.83
C ALA A 18 -14.94 1.95 4.22
N ASP A 19 -15.21 0.90 4.98
CA ASP A 19 -14.66 0.77 6.33
C ASP A 19 -13.33 0.03 6.30
N GLU A 20 -12.30 0.68 5.77
CA GLU A 20 -10.97 0.08 5.68
C GLU A 20 -9.88 1.13 5.90
N PHE A 21 -8.66 0.66 6.11
CA PHE A 21 -7.53 1.55 6.34
C PHE A 21 -6.43 1.31 5.32
N TRP A 22 -6.16 2.32 4.50
CA TRP A 22 -5.12 2.21 3.47
C TRP A 22 -3.81 2.82 3.96
N ILE A 23 -2.70 2.32 3.42
CA ILE A 23 -1.39 2.82 3.80
C ILE A 23 -0.82 3.75 2.74
N CYS A 24 0.16 4.56 3.14
CA CYS A 24 0.78 5.51 2.22
C CYS A 24 2.26 5.19 2.04
N CYS A 25 2.61 4.64 0.89
CA CYS A 25 3.99 4.29 0.58
C CYS A 25 4.80 5.53 0.20
N ASP A 26 6.12 5.42 0.30
CA ASP A 26 7.00 6.53 -0.04
C ASP A 26 7.43 6.45 -1.51
N LEU A 27 7.74 5.24 -1.96
CA LEU A 27 8.17 5.03 -3.34
C LEU A 27 6.97 5.01 -4.29
N CYS A 28 6.17 3.96 -4.20
CA CYS A 28 4.99 3.81 -5.04
C CYS A 28 3.89 4.77 -4.59
N GLU A 29 3.84 5.04 -3.29
CA GLU A 29 2.82 5.94 -2.74
C GLU A 29 1.44 5.62 -3.29
N MET A 30 1.18 4.32 -3.48
CA MET A 30 -0.11 3.88 -4.00
C MET A 30 -1.12 3.69 -2.88
N TRP A 31 -2.31 3.22 -3.23
CA TRP A 31 -3.37 2.99 -2.25
C TRP A 31 -3.48 1.52 -1.89
N PHE A 32 -2.70 1.09 -0.89
CA PHE A 32 -2.72 -0.30 -0.46
C PHE A 32 -3.56 -0.47 0.80
N HIS A 33 -3.75 -1.71 1.22
CA HIS A 33 -4.53 -2.01 2.41
C HIS A 33 -3.62 -2.29 3.61
N GLY A 34 -3.92 -1.67 4.74
CA GLY A 34 -3.12 -1.86 5.94
C GLY A 34 -2.76 -3.32 6.15
N LYS A 35 -3.77 -4.18 6.17
CA LYS A 35 -3.54 -5.62 6.37
C LYS A 35 -2.69 -6.19 5.25
N CYS A 36 -2.91 -5.71 4.04
CA CYS A 36 -2.16 -6.19 2.88
C CYS A 36 -0.67 -5.89 3.04
N VAL A 37 -0.35 -4.67 3.47
CA VAL A 37 1.03 -4.26 3.67
C VAL A 37 1.58 -4.80 4.99
N LYS A 38 0.83 -5.71 5.61
CA LYS A 38 1.24 -6.31 6.87
C LYS A 38 1.33 -5.25 7.96
N ILE A 39 0.31 -4.40 8.04
CA ILE A 39 0.28 -3.34 9.04
C ILE A 39 -1.13 -3.17 9.61
N THR A 40 -1.20 -2.80 10.89
CA THR A 40 -2.49 -2.60 11.55
C THR A 40 -2.85 -1.12 11.61
N PRO A 41 -4.15 -0.83 11.71
CA PRO A 41 -4.65 0.55 11.78
C PRO A 41 -4.31 1.22 13.10
N ALA A 42 -3.76 0.45 14.03
CA ALA A 42 -3.39 0.97 15.33
C ALA A 42 -1.91 1.35 15.37
N ARG A 43 -1.07 0.50 14.80
CA ARG A 43 0.37 0.74 14.76
C ARG A 43 0.71 1.86 13.78
N ALA A 44 0.02 1.87 12.64
CA ALA A 44 0.24 2.89 11.63
C ALA A 44 0.46 4.26 12.26
N GLU A 45 -0.29 4.55 13.32
CA GLU A 45 -0.18 5.83 14.01
C GLU A 45 1.28 6.17 14.28
N HIS A 46 2.04 5.18 14.74
CA HIS A 46 3.45 5.38 15.04
C HIS A 46 4.28 5.41 13.77
N ILE A 47 3.92 4.57 12.80
CA ILE A 47 4.62 4.51 11.53
C ILE A 47 4.44 5.80 10.73
N LYS A 48 5.55 6.47 10.44
CA LYS A 48 5.51 7.71 9.67
C LYS A 48 5.72 7.45 8.19
N GLN A 49 6.56 6.47 7.88
CA GLN A 49 6.86 6.12 6.49
C GLN A 49 7.32 4.67 6.39
N TYR A 50 6.43 3.81 5.90
CA TYR A 50 6.75 2.39 5.75
C TYR A 50 6.88 2.02 4.27
N LYS A 51 7.92 1.26 3.95
CA LYS A 51 8.16 0.83 2.58
C LYS A 51 7.34 -0.42 2.24
N CYS A 52 6.27 -0.24 1.48
CA CYS A 52 5.41 -1.35 1.09
C CYS A 52 6.22 -2.50 0.52
N PRO A 53 5.67 -3.72 0.59
CA PRO A 53 6.33 -4.92 0.09
C PRO A 53 6.41 -4.94 -1.43
N SER A 54 5.59 -4.12 -2.08
CA SER A 54 5.57 -4.05 -3.53
C SER A 54 6.90 -3.52 -4.08
N CYS A 55 7.44 -2.51 -3.41
CA CYS A 55 8.70 -1.91 -3.81
C CYS A 55 9.87 -2.58 -3.10
N SER A 56 9.83 -2.59 -1.77
CA SER A 56 10.88 -3.20 -0.97
C SER A 56 11.38 -4.49 -1.61
N ASN A 57 10.48 -5.16 -2.33
CA ASN A 57 10.82 -6.42 -2.98
C ASN A 57 11.97 -6.22 -3.97
N LYS A 58 11.76 -5.35 -4.94
CA LYS A 58 12.78 -5.07 -5.95
C LYS A 58 14.01 -4.42 -5.32
N SER A 59 15.19 -4.90 -5.70
CA SER A 59 16.43 -4.36 -5.16
C SER A 59 17.60 -4.71 -6.07
N GLY A 60 18.49 -3.74 -6.30
CA GLY A 60 19.64 -3.95 -7.15
C GLY A 60 20.37 -2.67 -7.47
N PRO A 61 20.91 -2.57 -8.70
CA PRO A 61 21.64 -1.39 -9.15
C PRO A 61 20.73 -0.18 -9.34
N SER A 62 19.46 -0.34 -9.01
CA SER A 62 18.48 0.74 -9.16
C SER A 62 19.05 2.05 -8.62
N SER A 63 18.90 3.11 -9.40
CA SER A 63 19.40 4.43 -9.00
C SER A 63 18.24 5.36 -8.66
N GLY A 64 18.51 6.31 -7.76
CA GLY A 64 17.48 7.25 -7.35
C GLY A 64 16.55 6.68 -6.31
ZN ZN B . -5.28 -5.09 -0.70
ZN ZN C . 5.92 0.92 -2.39
N GLY A 1 -25.82 3.76 -13.40
CA GLY A 1 -24.50 3.76 -13.98
C GLY A 1 -23.42 3.90 -12.93
N SER A 2 -22.34 3.11 -13.08
CA SER A 2 -21.23 3.15 -12.13
C SER A 2 -20.08 3.98 -12.68
N SER A 3 -19.34 4.61 -11.78
CA SER A 3 -18.20 5.45 -12.17
C SER A 3 -17.17 4.63 -12.94
N GLY A 4 -16.84 3.45 -12.42
CA GLY A 4 -15.87 2.60 -13.06
C GLY A 4 -14.72 2.23 -12.15
N SER A 5 -14.12 1.06 -12.40
CA SER A 5 -13.01 0.60 -11.58
C SER A 5 -11.74 1.41 -11.86
N SER A 6 -11.52 2.43 -11.04
CA SER A 6 -10.35 3.29 -11.19
C SER A 6 -9.15 2.73 -10.45
N GLY A 7 -8.37 1.89 -11.14
CA GLY A 7 -7.20 1.28 -10.53
C GLY A 7 -7.55 0.38 -9.36
N GLN A 8 -6.55 -0.27 -8.81
CA GLN A 8 -6.76 -1.18 -7.69
C GLN A 8 -5.45 -1.45 -6.95
N CYS A 9 -5.55 -2.07 -5.77
CA CYS A 9 -4.38 -2.39 -4.97
C CYS A 9 -3.38 -3.23 -5.78
N GLY A 10 -2.11 -3.12 -5.42
CA GLY A 10 -1.08 -3.87 -6.12
C GLY A 10 -0.68 -5.14 -5.37
N ALA A 11 -0.73 -5.08 -4.05
CA ALA A 11 -0.37 -6.22 -3.21
C ALA A 11 -1.36 -7.36 -3.41
N CYS A 12 -2.64 -7.09 -3.19
CA CYS A 12 -3.68 -8.09 -3.33
C CYS A 12 -4.59 -7.76 -4.52
N GLY A 13 -5.01 -6.50 -4.61
CA GLY A 13 -5.88 -6.09 -5.69
C GLY A 13 -7.33 -6.47 -5.45
N GLU A 14 -7.82 -6.21 -4.25
CA GLU A 14 -9.20 -6.54 -3.90
C GLU A 14 -10.17 -5.51 -4.48
N SER A 15 -11.46 -5.82 -4.42
CA SER A 15 -12.48 -4.91 -4.94
C SER A 15 -12.43 -3.56 -4.23
N TYR A 16 -12.98 -2.55 -4.88
CA TYR A 16 -12.99 -1.20 -4.31
C TYR A 16 -13.58 -1.21 -2.90
N ALA A 17 -12.73 -0.88 -1.93
CA ALA A 17 -13.15 -0.85 -0.53
C ALA A 17 -13.54 0.57 -0.11
N ALA A 18 -14.44 0.66 0.86
CA ALA A 18 -14.90 1.94 1.36
C ALA A 18 -14.52 2.14 2.83
N ASP A 19 -14.78 1.12 3.63
CA ASP A 19 -14.46 1.18 5.06
C ASP A 19 -13.23 0.34 5.38
N GLU A 20 -12.08 0.75 4.83
CA GLU A 20 -10.84 0.04 5.05
C GLU A 20 -9.67 1.01 5.21
N PHE A 21 -8.70 0.62 6.02
CA PHE A 21 -7.53 1.47 6.26
C PHE A 21 -6.51 1.31 5.14
N TRP A 22 -6.23 2.42 4.45
CA TRP A 22 -5.27 2.42 3.36
C TRP A 22 -3.90 2.88 3.82
N ILE A 23 -2.85 2.33 3.22
CA ILE A 23 -1.49 2.71 3.58
C ILE A 23 -0.88 3.64 2.53
N CYS A 24 0.15 4.38 2.94
CA CYS A 24 0.82 5.30 2.04
C CYS A 24 2.30 4.97 1.91
N CYS A 25 2.81 5.00 0.68
CA CYS A 25 4.20 4.69 0.42
C CYS A 25 4.97 5.95 0.01
N ASP A 26 6.29 5.89 0.13
CA ASP A 26 7.14 7.02 -0.23
C ASP A 26 7.61 6.92 -1.68
N LEU A 27 7.92 5.70 -2.11
CA LEU A 27 8.38 5.46 -3.47
C LEU A 27 7.22 5.52 -4.45
N CYS A 28 6.42 4.45 -4.47
CA CYS A 28 5.26 4.38 -5.36
C CYS A 28 4.09 5.17 -4.79
N GLU A 29 4.06 5.32 -3.48
CA GLU A 29 2.99 6.06 -2.82
C GLU A 29 1.63 5.60 -3.32
N MET A 30 1.48 4.29 -3.49
CA MET A 30 0.22 3.72 -3.97
C MET A 30 -0.75 3.50 -2.81
N TRP A 31 -1.96 3.07 -3.13
CA TRP A 31 -2.97 2.83 -2.12
C TRP A 31 -3.19 1.33 -1.91
N PHE A 32 -2.78 0.83 -0.74
CA PHE A 32 -2.92 -0.58 -0.42
C PHE A 32 -3.75 -0.77 0.84
N HIS A 33 -4.05 -2.02 1.16
CA HIS A 33 -4.84 -2.34 2.35
C HIS A 33 -3.94 -2.58 3.55
N GLY A 34 -4.16 -1.83 4.62
CA GLY A 34 -3.35 -1.98 5.82
C GLY A 34 -2.95 -3.42 6.07
N LYS A 35 -3.88 -4.34 5.84
CA LYS A 35 -3.60 -5.76 6.04
C LYS A 35 -2.56 -6.26 5.06
N CYS A 36 -2.68 -5.85 3.81
CA CYS A 36 -1.73 -6.25 2.77
C CYS A 36 -0.29 -6.00 3.22
N VAL A 37 -0.01 -4.77 3.62
CA VAL A 37 1.33 -4.41 4.08
C VAL A 37 1.59 -4.94 5.48
N LYS A 38 0.66 -5.74 5.99
CA LYS A 38 0.79 -6.32 7.32
C LYS A 38 0.97 -5.23 8.38
N ILE A 39 0.10 -4.24 8.35
CA ILE A 39 0.17 -3.13 9.30
C ILE A 39 -1.20 -2.83 9.89
N THR A 40 -1.29 -2.85 11.22
CA THR A 40 -2.55 -2.58 11.90
C THR A 40 -2.83 -1.08 11.95
N PRO A 41 -4.12 -0.73 12.03
CA PRO A 41 -4.56 0.67 12.09
C PRO A 41 -4.19 1.34 13.41
N ALA A 42 -3.73 0.55 14.36
CA ALA A 42 -3.34 1.06 15.67
C ALA A 42 -1.85 1.36 15.72
N ARG A 43 -1.07 0.63 14.94
CA ARG A 43 0.38 0.82 14.90
C ARG A 43 0.74 1.88 13.87
N ALA A 44 0.02 1.92 12.76
CA ALA A 44 0.28 2.89 11.71
C ALA A 44 0.60 4.27 12.29
N GLU A 45 -0.12 4.64 13.35
CA GLU A 45 0.09 5.92 14.00
C GLU A 45 1.57 6.18 14.23
N HIS A 46 2.27 5.16 14.72
CA HIS A 46 3.71 5.28 14.97
C HIS A 46 4.50 5.33 13.68
N ILE A 47 3.99 4.66 12.65
CA ILE A 47 4.65 4.63 11.35
C ILE A 47 4.40 5.92 10.58
N LYS A 48 5.45 6.44 9.96
CA LYS A 48 5.35 7.67 9.19
C LYS A 48 5.46 7.39 7.69
N GLN A 49 6.63 6.95 7.26
CA GLN A 49 6.87 6.64 5.86
C GLN A 49 7.31 5.19 5.68
N TYR A 50 6.34 4.31 5.51
CA TYR A 50 6.62 2.89 5.34
C TYR A 50 6.85 2.56 3.87
N LYS A 51 7.70 1.55 3.62
CA LYS A 51 8.00 1.13 2.26
C LYS A 51 7.14 -0.05 1.84
N CYS A 52 6.05 0.22 1.14
CA CYS A 52 5.14 -0.83 0.68
C CYS A 52 5.92 -2.08 0.29
N PRO A 53 5.24 -3.24 0.35
CA PRO A 53 5.84 -4.53 0.01
C PRO A 53 6.11 -4.66 -1.48
N SER A 54 5.58 -3.73 -2.26
CA SER A 54 5.76 -3.74 -3.70
C SER A 54 7.12 -3.15 -4.09
N CYS A 55 7.61 -2.23 -3.27
CA CYS A 55 8.90 -1.59 -3.52
C CYS A 55 10.02 -2.33 -2.80
N SER A 56 9.77 -2.70 -1.55
CA SER A 56 10.76 -3.41 -0.75
C SER A 56 11.10 -4.76 -1.38
N ASN A 57 10.31 -5.17 -2.36
CA ASN A 57 10.53 -6.43 -3.04
C ASN A 57 10.77 -6.20 -4.54
N LYS A 58 11.80 -5.42 -4.85
CA LYS A 58 12.14 -5.12 -6.24
C LYS A 58 13.52 -4.49 -6.34
N SER A 59 14.27 -4.86 -7.37
CA SER A 59 15.61 -4.32 -7.58
C SER A 59 15.63 -2.81 -7.38
N GLY A 60 16.27 -2.36 -6.30
CA GLY A 60 16.35 -0.94 -6.02
C GLY A 60 17.78 -0.46 -5.86
N PRO A 61 18.01 0.38 -4.85
CA PRO A 61 19.35 0.93 -4.58
C PRO A 61 20.32 -0.11 -4.06
N SER A 62 19.83 -1.34 -3.90
CA SER A 62 20.65 -2.44 -3.41
C SER A 62 21.01 -3.39 -4.54
N SER A 63 22.21 -3.96 -4.48
CA SER A 63 22.67 -4.89 -5.50
C SER A 63 23.23 -6.16 -4.86
N GLY A 64 22.49 -7.25 -4.97
CA GLY A 64 22.93 -8.51 -4.40
C GLY A 64 22.39 -8.74 -3.00
ZN ZN B . -4.45 -4.85 -0.97
ZN ZN C . 5.81 1.59 -2.76
N GLY A 1 -9.77 9.96 -12.64
CA GLY A 1 -9.41 10.84 -11.54
C GLY A 1 -9.68 10.20 -10.19
N SER A 2 -10.84 10.49 -9.62
CA SER A 2 -11.22 9.95 -8.32
C SER A 2 -11.91 8.60 -8.47
N SER A 3 -13.05 8.60 -9.16
CA SER A 3 -13.81 7.38 -9.37
C SER A 3 -13.63 6.87 -10.81
N GLY A 4 -12.61 6.04 -11.01
CA GLY A 4 -12.35 5.50 -12.33
C GLY A 4 -11.95 4.04 -12.29
N SER A 5 -10.73 3.75 -12.72
CA SER A 5 -10.23 2.38 -12.74
C SER A 5 -9.02 2.23 -11.81
N SER A 6 -8.10 3.19 -11.89
CA SER A 6 -6.91 3.15 -11.06
C SER A 6 -7.26 3.31 -9.58
N GLY A 7 -6.41 2.78 -8.72
CA GLY A 7 -6.65 2.86 -7.28
C GLY A 7 -6.65 1.50 -6.61
N GLN A 8 -7.23 0.52 -7.29
CA GLN A 8 -7.30 -0.83 -6.74
C GLN A 8 -6.00 -1.20 -6.03
N CYS A 9 -6.12 -1.92 -4.92
CA CYS A 9 -4.97 -2.34 -4.15
C CYS A 9 -4.21 -3.46 -4.86
N GLY A 10 -2.93 -3.21 -5.14
CA GLY A 10 -2.12 -4.21 -5.82
C GLY A 10 -1.98 -5.49 -5.01
N ALA A 11 -1.82 -5.35 -3.70
CA ALA A 11 -1.68 -6.50 -2.82
C ALA A 11 -2.81 -7.50 -3.03
N CYS A 12 -4.05 -7.01 -2.86
CA CYS A 12 -5.23 -7.86 -3.03
C CYS A 12 -6.21 -7.23 -4.01
N GLY A 13 -6.44 -5.93 -3.86
CA GLY A 13 -7.36 -5.23 -4.73
C GLY A 13 -8.80 -5.38 -4.30
N GLU A 14 -9.04 -5.28 -2.99
CA GLU A 14 -10.38 -5.40 -2.45
C GLU A 14 -11.35 -4.47 -3.17
N SER A 15 -12.63 -4.53 -2.77
CA SER A 15 -13.65 -3.68 -3.38
C SER A 15 -13.36 -2.21 -3.12
N TYR A 16 -14.03 -1.34 -3.87
CA TYR A 16 -13.84 0.10 -3.72
C TYR A 16 -14.61 0.62 -2.52
N ALA A 17 -13.93 0.78 -1.39
CA ALA A 17 -14.55 1.27 -0.18
C ALA A 17 -13.75 2.42 0.42
N ALA A 18 -14.45 3.40 0.98
CA ALA A 18 -13.81 4.57 1.58
C ALA A 18 -13.76 4.44 3.10
N ASP A 19 -13.44 3.25 3.58
CA ASP A 19 -13.36 3.00 5.01
C ASP A 19 -12.08 2.26 5.37
N GLU A 20 -11.86 1.11 4.74
CA GLU A 20 -10.66 0.31 5.00
C GLU A 20 -9.46 1.20 5.29
N PHE A 21 -8.58 0.73 6.15
CA PHE A 21 -7.38 1.49 6.52
C PHE A 21 -6.31 1.37 5.44
N TRP A 22 -6.14 2.42 4.66
CA TRP A 22 -5.15 2.43 3.59
C TRP A 22 -3.78 2.84 4.12
N ILE A 23 -2.73 2.28 3.52
CA ILE A 23 -1.37 2.59 3.94
C ILE A 23 -0.70 3.57 2.97
N CYS A 24 0.32 4.25 3.45
CA CYS A 24 1.05 5.21 2.62
C CYS A 24 2.45 4.70 2.28
N CYS A 25 2.96 5.11 1.12
CA CYS A 25 4.28 4.68 0.68
C CYS A 25 5.03 5.84 0.03
N ASP A 26 6.20 6.15 0.57
CA ASP A 26 7.02 7.24 0.05
C ASP A 26 7.91 6.75 -1.09
N LEU A 27 7.39 5.82 -1.89
CA LEU A 27 8.13 5.27 -3.02
C LEU A 27 7.29 5.27 -4.29
N CYS A 28 6.24 4.45 -4.28
CA CYS A 28 5.35 4.36 -5.43
C CYS A 28 4.08 5.18 -5.21
N GLU A 29 3.74 5.41 -3.94
CA GLU A 29 2.55 6.17 -3.59
C GLU A 29 1.29 5.48 -4.10
N MET A 30 1.19 4.18 -3.84
CA MET A 30 0.04 3.41 -4.27
C MET A 30 -1.04 3.39 -3.19
N TRP A 31 -2.13 2.68 -3.47
CA TRP A 31 -3.24 2.60 -2.52
C TRP A 31 -3.39 1.17 -2.00
N PHE A 32 -2.64 0.83 -0.96
CA PHE A 32 -2.69 -0.50 -0.37
C PHE A 32 -3.47 -0.48 0.95
N HIS A 33 -3.55 -1.64 1.60
CA HIS A 33 -4.27 -1.76 2.86
C HIS A 33 -3.33 -2.25 3.97
N GLY A 34 -3.53 -1.74 5.18
CA GLY A 34 -2.70 -2.14 6.30
C GLY A 34 -2.51 -3.65 6.36
N LYS A 35 -3.60 -4.37 6.61
CA LYS A 35 -3.55 -5.83 6.71
C LYS A 35 -2.72 -6.42 5.57
N CYS A 36 -2.90 -5.87 4.37
CA CYS A 36 -2.16 -6.34 3.21
C CYS A 36 -0.67 -6.14 3.39
N VAL A 37 -0.28 -4.95 3.83
CA VAL A 37 1.13 -4.62 4.05
C VAL A 37 1.60 -5.12 5.41
N LYS A 38 0.83 -6.02 6.00
CA LYS A 38 1.17 -6.58 7.31
C LYS A 38 1.29 -5.48 8.35
N ILE A 39 0.29 -4.60 8.41
CA ILE A 39 0.30 -3.50 9.38
C ILE A 39 -1.11 -3.24 9.92
N THR A 40 -1.20 -3.10 11.24
CA THR A 40 -2.49 -2.86 11.88
C THR A 40 -2.87 -1.38 11.80
N PRO A 41 -4.18 -1.10 11.84
CA PRO A 41 -4.70 0.27 11.78
C PRO A 41 -4.37 1.08 13.03
N ALA A 42 -3.81 0.41 14.03
CA ALA A 42 -3.44 1.07 15.28
C ALA A 42 -1.97 1.48 15.28
N ARG A 43 -1.10 0.56 14.88
CA ARG A 43 0.33 0.82 14.84
C ARG A 43 0.65 1.86 13.77
N ALA A 44 -0.08 1.82 12.66
CA ALA A 44 0.14 2.75 11.56
C ALA A 44 0.35 4.17 12.10
N GLU A 45 -0.37 4.53 13.15
CA GLU A 45 -0.26 5.84 13.75
C GLU A 45 1.21 6.22 13.98
N HIS A 46 1.99 5.25 14.44
CA HIS A 46 3.42 5.46 14.69
C HIS A 46 4.20 5.53 13.39
N ILE A 47 3.82 4.68 12.43
CA ILE A 47 4.48 4.65 11.14
C ILE A 47 4.18 5.89 10.31
N LYS A 48 5.20 6.44 9.66
CA LYS A 48 5.03 7.63 8.84
C LYS A 48 5.22 7.30 7.37
N GLN A 49 6.36 6.70 7.03
CA GLN A 49 6.66 6.34 5.65
C GLN A 49 7.14 4.89 5.57
N TYR A 50 6.20 3.96 5.48
CA TYR A 50 6.53 2.54 5.41
C TYR A 50 6.86 2.15 3.97
N LYS A 51 7.71 1.14 3.82
CA LYS A 51 8.11 0.66 2.51
C LYS A 51 7.17 -0.45 2.03
N CYS A 52 6.18 -0.07 1.23
CA CYS A 52 5.22 -1.04 0.71
C CYS A 52 5.92 -2.31 0.22
N PRO A 53 5.18 -3.42 0.16
CA PRO A 53 5.71 -4.70 -0.28
C PRO A 53 6.02 -4.72 -1.78
N SER A 54 5.47 -3.75 -2.50
CA SER A 54 5.68 -3.65 -3.94
C SER A 54 7.04 -3.02 -4.24
N CYS A 55 7.55 -2.25 -3.29
CA CYS A 55 8.83 -1.58 -3.46
C CYS A 55 9.97 -2.41 -2.86
N SER A 56 9.83 -2.75 -1.58
CA SER A 56 10.83 -3.54 -0.88
C SER A 56 11.32 -4.69 -1.76
N ASN A 57 10.41 -5.28 -2.53
CA ASN A 57 10.75 -6.39 -3.41
C ASN A 57 11.86 -5.99 -4.37
N LYS A 58 11.74 -4.80 -4.94
CA LYS A 58 12.73 -4.29 -5.89
C LYS A 58 14.14 -4.63 -5.41
N SER A 59 14.97 -5.13 -6.34
CA SER A 59 16.34 -5.49 -6.01
C SER A 59 16.43 -6.11 -4.63
N GLY A 60 15.43 -6.91 -4.28
CA GLY A 60 15.40 -7.55 -2.98
C GLY A 60 16.72 -8.23 -2.65
N PRO A 61 16.79 -9.54 -2.90
CA PRO A 61 17.99 -10.34 -2.64
C PRO A 61 19.14 -9.99 -3.59
N SER A 62 20.36 -10.31 -3.17
CA SER A 62 21.54 -10.03 -3.98
C SER A 62 21.73 -11.08 -5.06
N SER A 63 21.33 -10.74 -6.28
CA SER A 63 21.45 -11.65 -7.41
C SER A 63 22.81 -11.50 -8.10
N GLY A 64 23.14 -12.46 -8.96
CA GLY A 64 24.41 -12.41 -9.67
C GLY A 64 25.59 -12.26 -8.75
ZN ZN B . -5.29 -4.94 -0.26
ZN ZN C . 5.75 1.55 -2.74
N GLY A 1 -20.67 2.25 -15.14
CA GLY A 1 -20.97 3.66 -14.95
C GLY A 1 -19.88 4.57 -15.44
N SER A 2 -19.59 5.63 -14.69
CA SER A 2 -18.55 6.58 -15.06
C SER A 2 -17.22 5.87 -15.28
N SER A 3 -16.24 6.62 -15.77
CA SER A 3 -14.90 6.07 -16.03
C SER A 3 -14.45 5.19 -14.87
N GLY A 4 -14.24 3.91 -15.14
CA GLY A 4 -13.79 2.99 -14.10
C GLY A 4 -12.74 3.60 -13.20
N SER A 5 -12.89 3.42 -11.90
CA SER A 5 -11.95 3.95 -10.92
C SER A 5 -10.62 3.22 -11.01
N SER A 6 -9.53 3.99 -11.10
CA SER A 6 -8.19 3.42 -11.18
C SER A 6 -7.47 3.51 -9.84
N GLY A 7 -7.46 2.41 -9.10
CA GLY A 7 -6.80 2.39 -7.81
C GLY A 7 -6.85 1.02 -7.15
N GLN A 8 -6.46 -0.01 -7.91
CA GLN A 8 -6.46 -1.37 -7.39
C GLN A 8 -5.30 -1.60 -6.44
N CYS A 9 -5.52 -2.42 -5.42
CA CYS A 9 -4.48 -2.72 -4.45
C CYS A 9 -3.60 -3.88 -4.91
N GLY A 10 -2.40 -3.58 -5.35
CA GLY A 10 -1.49 -4.61 -5.83
C GLY A 10 -1.46 -5.81 -4.91
N ALA A 11 -1.50 -5.57 -3.60
CA ALA A 11 -1.49 -6.64 -2.61
C ALA A 11 -2.57 -7.66 -2.89
N CYS A 12 -3.83 -7.21 -2.83
CA CYS A 12 -4.97 -8.09 -3.07
C CYS A 12 -5.78 -7.60 -4.27
N GLY A 13 -6.05 -6.30 -4.31
CA GLY A 13 -6.81 -5.73 -5.40
C GLY A 13 -8.30 -5.70 -5.12
N GLU A 14 -8.66 -5.36 -3.87
CA GLU A 14 -10.06 -5.29 -3.48
C GLU A 14 -10.72 -4.03 -4.02
N SER A 15 -12.04 -3.99 -3.96
CA SER A 15 -12.80 -2.84 -4.45
C SER A 15 -12.95 -1.79 -3.36
N TYR A 16 -13.05 -0.54 -3.76
CA TYR A 16 -13.20 0.57 -2.83
C TYR A 16 -14.22 0.23 -1.74
N ALA A 17 -13.89 0.54 -0.50
CA ALA A 17 -14.77 0.27 0.63
C ALA A 17 -14.69 1.39 1.67
N ALA A 18 -15.80 1.64 2.35
CA ALA A 18 -15.86 2.67 3.37
C ALA A 18 -15.05 2.27 4.60
N ASP A 19 -15.16 1.01 4.99
CA ASP A 19 -14.42 0.50 6.15
C ASP A 19 -13.13 -0.17 5.72
N GLU A 20 -12.08 0.63 5.56
CA GLU A 20 -10.78 0.12 5.16
C GLU A 20 -9.68 1.16 5.35
N PHE A 21 -8.63 0.78 6.07
CA PHE A 21 -7.52 1.69 6.33
C PHE A 21 -6.39 1.49 5.31
N TRP A 22 -6.18 2.49 4.46
CA TRP A 22 -5.15 2.42 3.45
C TRP A 22 -3.82 2.97 3.98
N ILE A 23 -2.72 2.45 3.45
CA ILE A 23 -1.39 2.89 3.87
C ILE A 23 -0.77 3.83 2.85
N CYS A 24 0.20 4.62 3.29
CA CYS A 24 0.88 5.57 2.41
C CYS A 24 2.30 5.10 2.12
N CYS A 25 2.68 5.11 0.84
CA CYS A 25 4.01 4.69 0.43
C CYS A 25 4.77 5.86 -0.19
N ASP A 26 5.91 6.21 0.41
CA ASP A 26 6.73 7.30 -0.08
C ASP A 26 7.63 6.83 -1.22
N LEU A 27 7.11 5.94 -2.06
CA LEU A 27 7.87 5.41 -3.18
C LEU A 27 7.02 5.39 -4.45
N CYS A 28 6.03 4.51 -4.48
CA CYS A 28 5.15 4.40 -5.63
C CYS A 28 3.84 5.16 -5.40
N GLU A 29 3.51 5.37 -4.13
CA GLU A 29 2.28 6.09 -3.78
C GLU A 29 1.05 5.38 -4.34
N MET A 30 1.01 4.06 -4.17
CA MET A 30 -0.11 3.27 -4.65
C MET A 30 -1.21 3.17 -3.60
N TRP A 31 -2.26 2.42 -3.91
CA TRP A 31 -3.37 2.24 -2.98
C TRP A 31 -3.36 0.85 -2.37
N PHE A 32 -2.86 0.75 -1.14
CA PHE A 32 -2.80 -0.53 -0.44
C PHE A 32 -3.63 -0.49 0.84
N HIS A 33 -3.64 -1.61 1.56
CA HIS A 33 -4.40 -1.70 2.80
C HIS A 33 -3.48 -2.05 3.97
N GLY A 34 -3.76 -1.49 5.14
CA GLY A 34 -2.96 -1.76 6.31
C GLY A 34 -2.62 -3.23 6.45
N LYS A 35 -3.65 -4.07 6.60
CA LYS A 35 -3.45 -5.50 6.75
C LYS A 35 -2.63 -6.06 5.60
N CYS A 36 -2.90 -5.56 4.39
CA CYS A 36 -2.18 -6.01 3.20
C CYS A 36 -0.69 -5.73 3.32
N VAL A 37 -0.37 -4.52 3.78
CA VAL A 37 1.03 -4.12 3.94
C VAL A 37 1.62 -4.66 5.23
N LYS A 38 0.92 -5.63 5.83
CA LYS A 38 1.37 -6.24 7.07
C LYS A 38 1.45 -5.20 8.19
N ILE A 39 0.42 -4.36 8.29
CA ILE A 39 0.39 -3.34 9.31
C ILE A 39 -1.03 -3.18 9.87
N THR A 40 -1.11 -2.91 11.17
CA THR A 40 -2.40 -2.73 11.83
C THR A 40 -2.79 -1.26 11.90
N PRO A 41 -4.10 -0.99 12.01
CA PRO A 41 -4.63 0.38 12.08
C PRO A 41 -4.27 1.06 13.39
N ALA A 42 -3.68 0.30 14.31
CA ALA A 42 -3.29 0.84 15.61
C ALA A 42 -1.82 1.26 15.61
N ARG A 43 -0.97 0.42 15.02
CA ARG A 43 0.46 0.71 14.94
C ARG A 43 0.75 1.76 13.89
N ALA A 44 -0.02 1.74 12.80
CA ALA A 44 0.16 2.69 11.71
C ALA A 44 0.44 4.09 12.25
N GLU A 45 -0.26 4.47 13.32
CA GLU A 45 -0.08 5.77 13.93
C GLU A 45 1.40 6.11 14.09
N HIS A 46 2.17 5.12 14.52
CA HIS A 46 3.61 5.30 14.71
C HIS A 46 4.35 5.33 13.37
N ILE A 47 3.92 4.48 12.45
CA ILE A 47 4.53 4.41 11.14
C ILE A 47 4.22 5.66 10.31
N LYS A 48 5.27 6.31 9.82
CA LYS A 48 5.11 7.52 9.03
C LYS A 48 5.32 7.23 7.55
N GLN A 49 6.53 6.81 7.20
CA GLN A 49 6.87 6.49 5.83
C GLN A 49 7.28 5.03 5.68
N TYR A 50 6.30 4.15 5.48
CA TYR A 50 6.56 2.72 5.33
C TYR A 50 6.85 2.38 3.88
N LYS A 51 7.65 1.32 3.69
CA LYS A 51 8.00 0.87 2.35
C LYS A 51 7.11 -0.27 1.89
N CYS A 52 6.05 0.06 1.15
CA CYS A 52 5.11 -0.95 0.66
C CYS A 52 5.85 -2.23 0.26
N PRO A 53 5.12 -3.35 0.24
CA PRO A 53 5.68 -4.66 -0.11
C PRO A 53 6.03 -4.75 -1.59
N SER A 54 5.56 -3.79 -2.38
CA SER A 54 5.81 -3.75 -3.82
C SER A 54 7.13 -3.04 -4.11
N CYS A 55 7.58 -2.23 -3.17
CA CYS A 55 8.83 -1.48 -3.33
C CYS A 55 9.99 -2.23 -2.68
N SER A 56 9.75 -2.76 -1.48
CA SER A 56 10.78 -3.49 -0.75
C SER A 56 11.16 -4.77 -1.50
N ASN A 57 10.26 -5.25 -2.35
CA ASN A 57 10.51 -6.46 -3.12
C ASN A 57 11.03 -6.12 -4.51
N LYS A 58 11.88 -5.10 -4.59
CA LYS A 58 12.44 -4.67 -5.87
C LYS A 58 13.56 -3.65 -5.66
N SER A 59 14.75 -3.99 -6.13
CA SER A 59 15.91 -3.10 -5.98
C SER A 59 15.97 -2.11 -7.13
N GLY A 60 15.96 -2.62 -8.35
CA GLY A 60 16.03 -1.76 -9.52
C GLY A 60 17.44 -1.53 -10.01
N PRO A 61 17.65 -0.44 -10.76
CA PRO A 61 18.97 -0.08 -11.30
C PRO A 61 19.94 0.34 -10.21
N SER A 62 20.75 -0.60 -9.74
CA SER A 62 21.73 -0.31 -8.70
C SER A 62 23.09 0.04 -9.31
N SER A 63 23.80 0.96 -8.67
CA SER A 63 25.11 1.39 -9.15
C SER A 63 26.15 1.30 -8.04
N GLY A 64 26.77 0.13 -7.91
CA GLY A 64 27.78 -0.06 -6.89
C GLY A 64 27.33 -1.02 -5.80
ZN ZN B . -5.27 -4.98 -0.47
ZN ZN C . 5.60 1.56 -2.94
N GLY A 1 -15.20 4.83 -24.45
CA GLY A 1 -14.48 4.37 -23.28
C GLY A 1 -14.16 5.49 -22.31
N SER A 2 -14.96 5.60 -21.26
CA SER A 2 -14.78 6.64 -20.25
C SER A 2 -13.57 6.32 -19.37
N SER A 3 -12.45 7.00 -19.65
CA SER A 3 -11.23 6.79 -18.89
C SER A 3 -11.16 7.74 -17.69
N GLY A 4 -11.71 7.29 -16.56
CA GLY A 4 -11.70 8.12 -15.37
C GLY A 4 -10.87 7.51 -14.25
N SER A 5 -10.72 8.26 -13.16
CA SER A 5 -9.93 7.79 -12.02
C SER A 5 -10.39 6.40 -11.59
N SER A 6 -9.50 5.69 -10.89
CA SER A 6 -9.81 4.34 -10.42
C SER A 6 -8.75 3.86 -9.43
N GLY A 7 -9.13 3.76 -8.16
CA GLY A 7 -8.21 3.32 -7.14
C GLY A 7 -8.27 1.82 -6.92
N GLN A 8 -7.16 1.13 -7.18
CA GLN A 8 -7.10 -0.31 -7.02
C GLN A 8 -5.81 -0.72 -6.30
N CYS A 9 -5.97 -1.33 -5.13
CA CYS A 9 -4.83 -1.77 -4.34
C CYS A 9 -3.97 -2.76 -5.12
N GLY A 10 -2.68 -2.45 -5.26
CA GLY A 10 -1.78 -3.33 -5.98
C GLY A 10 -1.73 -4.72 -5.38
N ALA A 11 -1.68 -4.79 -4.06
CA ALA A 11 -1.61 -6.07 -3.37
C ALA A 11 -2.76 -6.99 -3.80
N CYS A 12 -3.99 -6.53 -3.60
CA CYS A 12 -5.17 -7.30 -3.96
C CYS A 12 -6.04 -6.53 -4.95
N GLY A 13 -6.26 -5.25 -4.66
CA GLY A 13 -7.08 -4.43 -5.53
C GLY A 13 -8.55 -4.59 -5.26
N GLU A 14 -8.93 -4.54 -3.98
CA GLU A 14 -10.33 -4.68 -3.59
C GLU A 14 -11.09 -3.38 -3.80
N SER A 15 -12.38 -3.41 -3.53
CA SER A 15 -13.23 -2.23 -3.69
C SER A 15 -12.98 -1.23 -2.57
N TYR A 16 -13.41 0.01 -2.79
CA TYR A 16 -13.23 1.06 -1.79
C TYR A 16 -14.10 0.82 -0.56
N ALA A 17 -13.48 0.82 0.61
CA ALA A 17 -14.18 0.60 1.86
C ALA A 17 -13.86 1.68 2.89
N ALA A 18 -14.87 2.10 3.64
CA ALA A 18 -14.69 3.13 4.65
C ALA A 18 -14.07 2.55 5.91
N ASP A 19 -14.54 1.38 6.32
CA ASP A 19 -14.04 0.72 7.51
C ASP A 19 -12.73 -0.02 7.22
N GLU A 20 -11.82 0.66 6.52
CA GLU A 20 -10.54 0.06 6.17
C GLU A 20 -9.43 1.12 6.17
N PHE A 21 -8.28 0.77 6.72
CA PHE A 21 -7.14 1.68 6.78
C PHE A 21 -6.16 1.40 5.65
N TRP A 22 -5.75 2.46 4.96
CA TRP A 22 -4.81 2.33 3.85
C TRP A 22 -3.45 2.88 4.23
N ILE A 23 -2.41 2.36 3.59
CA ILE A 23 -1.04 2.80 3.87
C ILE A 23 -0.53 3.73 2.77
N CYS A 24 0.49 4.53 3.10
CA CYS A 24 1.06 5.46 2.15
C CYS A 24 2.49 5.06 1.79
N CYS A 25 2.70 4.66 0.55
CA CYS A 25 4.02 4.24 0.08
C CYS A 25 4.81 5.44 -0.44
N ASP A 26 6.13 5.28 -0.53
CA ASP A 26 6.99 6.35 -1.01
C ASP A 26 7.34 6.15 -2.49
N LEU A 27 7.76 4.94 -2.82
CA LEU A 27 8.12 4.61 -4.21
C LEU A 27 6.89 4.64 -5.11
N CYS A 28 6.02 3.65 -4.95
CA CYS A 28 4.81 3.57 -5.75
C CYS A 28 3.84 4.67 -5.38
N GLU A 29 3.66 4.90 -4.07
CA GLU A 29 2.75 5.92 -3.59
C GLU A 29 1.32 5.65 -4.05
N MET A 30 0.90 4.39 -3.93
CA MET A 30 -0.44 4.00 -4.33
C MET A 30 -1.35 3.87 -3.12
N TRP A 31 -2.59 3.42 -3.35
CA TRP A 31 -3.55 3.25 -2.28
C TRP A 31 -3.69 1.78 -1.89
N PHE A 32 -2.80 1.31 -1.02
CA PHE A 32 -2.82 -0.08 -0.57
C PHE A 32 -3.63 -0.21 0.71
N HIS A 33 -3.74 -1.45 1.21
CA HIS A 33 -4.49 -1.72 2.43
C HIS A 33 -3.55 -2.10 3.57
N GLY A 34 -3.79 -1.54 4.74
CA GLY A 34 -2.96 -1.83 5.90
C GLY A 34 -2.74 -3.33 6.09
N LYS A 35 -3.84 -4.08 6.07
CA LYS A 35 -3.77 -5.53 6.24
C LYS A 35 -2.99 -6.18 5.09
N CYS A 36 -2.98 -5.51 3.95
CA CYS A 36 -2.28 -6.03 2.77
C CYS A 36 -0.77 -5.84 2.92
N VAL A 37 -0.37 -4.65 3.36
CA VAL A 37 1.04 -4.34 3.55
C VAL A 37 1.55 -4.88 4.87
N LYS A 38 0.78 -5.77 5.48
CA LYS A 38 1.16 -6.36 6.76
C LYS A 38 1.35 -5.29 7.83
N ILE A 39 0.36 -4.42 7.98
CA ILE A 39 0.42 -3.34 8.95
C ILE A 39 -0.94 -3.11 9.60
N THR A 40 -0.94 -3.00 10.93
CA THR A 40 -2.18 -2.78 11.67
C THR A 40 -2.45 -1.28 11.83
N PRO A 41 -3.73 -0.94 12.06
CA PRO A 41 -4.16 0.45 12.24
C PRO A 41 -3.66 1.04 13.56
N ALA A 42 -3.19 0.17 14.46
CA ALA A 42 -2.69 0.60 15.75
C ALA A 42 -1.20 0.89 15.69
N ARG A 43 -0.49 0.18 14.82
CA ARG A 43 0.95 0.37 14.67
C ARG A 43 1.26 1.40 13.58
N ALA A 44 0.42 1.43 12.55
CA ALA A 44 0.60 2.37 11.45
C ALA A 44 0.52 3.82 11.95
N GLU A 45 -0.43 4.09 12.83
CA GLU A 45 -0.59 5.44 13.38
C GLU A 45 0.75 6.01 13.80
N HIS A 46 1.72 5.14 14.04
CA HIS A 46 3.05 5.56 14.46
C HIS A 46 3.99 5.69 13.26
N ILE A 47 3.80 4.82 12.27
CA ILE A 47 4.62 4.84 11.07
C ILE A 47 4.34 6.08 10.23
N LYS A 48 5.38 6.86 9.98
CA LYS A 48 5.25 8.08 9.19
C LYS A 48 5.29 7.77 7.69
N GLN A 49 6.43 7.29 7.22
CA GLN A 49 6.60 6.94 5.82
C GLN A 49 7.11 5.52 5.66
N TYR A 50 6.22 4.60 5.31
CA TYR A 50 6.59 3.20 5.13
C TYR A 50 6.58 2.82 3.66
N LYS A 51 7.43 1.87 3.29
CA LYS A 51 7.52 1.41 1.92
C LYS A 51 6.83 0.06 1.74
N CYS A 52 5.66 0.09 1.11
CA CYS A 52 4.89 -1.13 0.88
C CYS A 52 5.82 -2.31 0.58
N PRO A 53 5.31 -3.53 0.83
CA PRO A 53 6.08 -4.76 0.61
C PRO A 53 6.29 -5.04 -0.88
N SER A 54 5.54 -4.34 -1.72
CA SER A 54 5.64 -4.52 -3.16
C SER A 54 7.00 -4.03 -3.68
N CYS A 55 7.29 -2.76 -3.44
CA CYS A 55 8.56 -2.18 -3.88
C CYS A 55 9.67 -2.47 -2.87
N SER A 56 9.43 -2.13 -1.61
CA SER A 56 10.41 -2.35 -0.56
C SER A 56 11.19 -3.63 -0.81
N ASN A 57 10.53 -4.61 -1.41
CA ASN A 57 11.17 -5.89 -1.71
C ASN A 57 11.92 -5.83 -3.03
N LYS A 58 12.65 -4.74 -3.24
CA LYS A 58 13.42 -4.57 -4.47
C LYS A 58 14.92 -4.56 -4.18
N SER A 59 15.72 -4.69 -5.24
CA SER A 59 17.17 -4.70 -5.10
C SER A 59 17.62 -3.72 -4.02
N GLY A 60 18.69 -4.07 -3.32
CA GLY A 60 19.20 -3.20 -2.26
C GLY A 60 19.63 -3.99 -1.03
N PRO A 61 18.65 -4.48 -0.26
CA PRO A 61 18.91 -5.25 0.96
C PRO A 61 19.50 -6.63 0.66
N SER A 62 19.53 -6.98 -0.62
CA SER A 62 20.07 -8.27 -1.05
C SER A 62 20.64 -8.19 -2.45
N SER A 63 21.60 -9.07 -2.75
CA SER A 63 22.23 -9.09 -4.06
C SER A 63 22.35 -10.52 -4.58
N GLY A 64 22.81 -10.66 -5.82
CA GLY A 64 22.95 -11.97 -6.42
C GLY A 64 21.62 -12.60 -6.75
ZN ZN B . -5.31 -4.79 -0.83
ZN ZN C . 5.35 0.68 -2.95
N GLY A 1 -17.91 8.87 -19.28
CA GLY A 1 -16.85 8.95 -18.29
C GLY A 1 -17.29 8.40 -16.94
N SER A 2 -16.46 7.53 -16.36
CA SER A 2 -16.77 6.93 -15.06
C SER A 2 -15.50 6.58 -14.32
N SER A 3 -15.37 7.10 -13.10
CA SER A 3 -14.20 6.84 -12.27
C SER A 3 -13.97 5.34 -12.09
N GLY A 4 -15.00 4.65 -11.63
CA GLY A 4 -14.90 3.21 -11.43
C GLY A 4 -13.84 2.85 -10.41
N SER A 5 -13.34 1.62 -10.50
CA SER A 5 -12.32 1.14 -9.57
C SER A 5 -11.12 2.09 -9.55
N SER A 6 -11.08 2.95 -8.54
CA SER A 6 -9.98 3.92 -8.41
C SER A 6 -8.90 3.38 -7.48
N GLY A 7 -7.66 3.41 -7.96
CA GLY A 7 -6.55 2.93 -7.15
C GLY A 7 -6.69 1.46 -6.81
N GLN A 8 -5.77 0.64 -7.32
CA GLN A 8 -5.79 -0.79 -7.06
C GLN A 8 -4.62 -1.20 -6.18
N CYS A 9 -4.90 -2.04 -5.19
CA CYS A 9 -3.86 -2.52 -4.27
C CYS A 9 -2.99 -3.57 -4.94
N GLY A 10 -1.68 -3.36 -4.90
CA GLY A 10 -0.76 -4.31 -5.50
C GLY A 10 -0.88 -5.70 -4.91
N ALA A 11 -1.01 -5.75 -3.59
CA ALA A 11 -1.13 -7.03 -2.89
C ALA A 11 -2.25 -7.88 -3.49
N CYS A 12 -3.47 -7.34 -3.46
CA CYS A 12 -4.63 -8.05 -4.00
C CYS A 12 -5.25 -7.27 -5.14
N GLY A 13 -5.43 -5.96 -4.94
CA GLY A 13 -6.02 -5.12 -5.96
C GLY A 13 -7.53 -5.11 -5.90
N GLU A 14 -8.08 -4.65 -4.77
CA GLU A 14 -9.52 -4.59 -4.59
C GLU A 14 -10.09 -3.29 -5.15
N SER A 15 -11.41 -3.19 -5.18
CA SER A 15 -12.08 -2.00 -5.69
C SER A 15 -12.04 -0.87 -4.67
N TYR A 16 -12.26 0.35 -5.13
CA TYR A 16 -12.25 1.52 -4.26
C TYR A 16 -12.85 1.18 -2.90
N ALA A 17 -11.97 0.99 -1.91
CA ALA A 17 -12.41 0.67 -0.56
C ALA A 17 -12.38 1.89 0.34
N ALA A 18 -13.53 2.23 0.91
CA ALA A 18 -13.64 3.38 1.79
C ALA A 18 -13.53 2.97 3.26
N ASP A 19 -14.25 1.91 3.62
CA ASP A 19 -14.24 1.42 5.00
C ASP A 19 -13.03 0.52 5.24
N GLU A 20 -11.88 0.95 4.75
CA GLU A 20 -10.65 0.18 4.91
C GLU A 20 -9.48 1.10 5.25
N PHE A 21 -8.56 0.59 6.07
CA PHE A 21 -7.39 1.36 6.48
C PHE A 21 -6.27 1.22 5.46
N TRP A 22 -6.10 2.25 4.62
CA TRP A 22 -5.06 2.23 3.60
C TRP A 22 -3.73 2.72 4.18
N ILE A 23 -2.63 2.19 3.64
CA ILE A 23 -1.30 2.58 4.10
C ILE A 23 -0.63 3.51 3.11
N CYS A 24 0.26 4.38 3.61
CA CYS A 24 0.97 5.32 2.76
C CYS A 24 2.44 4.94 2.63
N CYS A 25 2.99 5.08 1.43
CA CYS A 25 4.38 4.75 1.18
C CYS A 25 5.15 5.97 0.69
N ASP A 26 6.47 5.86 0.66
CA ASP A 26 7.32 6.96 0.21
C ASP A 26 7.98 6.62 -1.11
N LEU A 27 8.70 5.50 -1.17
CA LEU A 27 9.38 5.08 -2.37
C LEU A 27 8.46 5.19 -3.58
N CYS A 28 7.45 4.33 -3.63
CA CYS A 28 6.49 4.34 -4.73
C CYS A 28 5.28 5.21 -4.41
N GLU A 29 4.88 5.19 -3.14
CA GLU A 29 3.73 5.98 -2.69
C GLU A 29 2.44 5.47 -3.33
N MET A 30 2.28 4.16 -3.37
CA MET A 30 1.09 3.54 -3.94
C MET A 30 0.01 3.35 -2.89
N TRP A 31 -1.13 2.81 -3.31
CA TRP A 31 -2.25 2.58 -2.40
C TRP A 31 -2.35 1.11 -2.03
N PHE A 32 -2.40 0.83 -0.73
CA PHE A 32 -2.50 -0.55 -0.24
C PHE A 32 -3.42 -0.63 0.98
N HIS A 33 -3.61 -1.84 1.49
CA HIS A 33 -4.45 -2.06 2.66
C HIS A 33 -3.63 -2.53 3.85
N GLY A 34 -3.79 -1.85 4.98
CA GLY A 34 -3.05 -2.21 6.18
C GLY A 34 -2.81 -3.71 6.28
N LYS A 35 -3.88 -4.47 6.44
CA LYS A 35 -3.80 -5.92 6.55
C LYS A 35 -2.90 -6.49 5.45
N CYS A 36 -3.11 -6.03 4.23
CA CYS A 36 -2.33 -6.50 3.09
C CYS A 36 -0.84 -6.24 3.31
N VAL A 37 -0.52 -5.01 3.71
CA VAL A 37 0.87 -4.64 3.95
C VAL A 37 1.33 -5.12 5.32
N LYS A 38 0.49 -5.90 5.98
CA LYS A 38 0.81 -6.44 7.30
C LYS A 38 0.97 -5.31 8.32
N ILE A 39 0.00 -4.40 8.34
CA ILE A 39 0.02 -3.28 9.26
C ILE A 39 -1.37 -3.01 9.85
N THR A 40 -1.42 -2.69 11.13
CA THR A 40 -2.68 -2.40 11.80
C THR A 40 -2.95 -0.91 11.88
N PRO A 41 -4.23 -0.53 11.94
CA PRO A 41 -4.64 0.88 12.02
C PRO A 41 -4.29 1.51 13.37
N ALA A 42 -3.90 0.67 14.32
CA ALA A 42 -3.53 1.14 15.65
C ALA A 42 -2.04 1.45 15.74
N ARG A 43 -1.25 0.76 14.92
CA ARG A 43 0.20 0.95 14.89
C ARG A 43 0.58 2.01 13.87
N ALA A 44 -0.18 2.09 12.79
CA ALA A 44 0.07 3.07 11.74
C ALA A 44 0.37 4.44 12.32
N GLU A 45 -0.47 4.88 13.25
CA GLU A 45 -0.30 6.18 13.89
C GLU A 45 1.15 6.40 14.30
N HIS A 46 1.83 5.30 14.63
CA HIS A 46 3.23 5.38 15.05
C HIS A 46 4.16 5.27 13.85
N ILE A 47 3.76 4.47 12.86
CA ILE A 47 4.56 4.29 11.65
C ILE A 47 4.58 5.55 10.81
N LYS A 48 5.78 6.05 10.54
CA LYS A 48 5.94 7.26 9.73
C LYS A 48 5.86 6.93 8.25
N GLN A 49 6.84 6.20 7.74
CA GLN A 49 6.88 5.82 6.33
C GLN A 49 7.22 4.34 6.17
N TYR A 50 6.21 3.52 5.93
CA TYR A 50 6.40 2.10 5.76
C TYR A 50 6.66 1.75 4.30
N LYS A 51 7.41 0.68 4.07
CA LYS A 51 7.73 0.24 2.72
C LYS A 51 6.79 -0.88 2.27
N CYS A 52 6.03 -0.61 1.22
CA CYS A 52 5.08 -1.58 0.69
C CYS A 52 5.81 -2.78 0.08
N PRO A 53 5.15 -3.94 0.06
CA PRO A 53 5.72 -5.17 -0.49
C PRO A 53 5.86 -5.10 -2.01
N SER A 54 5.46 -3.99 -2.60
CA SER A 54 5.55 -3.80 -4.05
C SER A 54 6.92 -3.28 -4.44
N CYS A 55 7.36 -2.22 -3.76
CA CYS A 55 8.65 -1.61 -4.04
C CYS A 55 9.76 -2.30 -3.24
N SER A 56 9.53 -2.46 -1.94
CA SER A 56 10.51 -3.10 -1.07
C SER A 56 11.26 -4.21 -1.81
N ASN A 57 10.56 -4.89 -2.71
CA ASN A 57 11.16 -5.98 -3.48
C ASN A 57 12.30 -5.45 -4.35
N LYS A 58 12.02 -4.39 -5.11
CA LYS A 58 13.02 -3.79 -5.98
C LYS A 58 14.10 -3.07 -5.17
N SER A 59 15.13 -2.60 -5.86
CA SER A 59 16.22 -1.90 -5.20
C SER A 59 16.27 -0.43 -5.65
N GLY A 60 15.74 0.44 -4.79
CA GLY A 60 15.73 1.87 -5.11
C GLY A 60 16.37 2.71 -4.02
N PRO A 61 16.45 4.03 -4.26
CA PRO A 61 17.04 4.96 -3.30
C PRO A 61 16.18 5.14 -2.06
N SER A 62 16.66 4.64 -0.93
CA SER A 62 15.93 4.74 0.33
C SER A 62 16.24 6.06 1.04
N SER A 63 15.31 6.52 1.86
CA SER A 63 15.49 7.76 2.59
C SER A 63 16.03 8.86 1.68
N GLY A 64 15.51 8.92 0.46
CA GLY A 64 15.96 9.93 -0.49
C GLY A 64 15.18 11.23 -0.37
ZN ZN B . -4.97 -5.50 -0.88
ZN ZN C . 6.22 1.52 -1.83
N GLY A 1 -13.58 -2.58 -18.82
CA GLY A 1 -12.19 -2.91 -18.60
C GLY A 1 -11.80 -4.25 -19.21
N SER A 2 -11.57 -4.27 -20.51
CA SER A 2 -11.21 -5.50 -21.21
C SER A 2 -10.08 -6.22 -20.47
N SER A 3 -8.99 -5.50 -20.20
CA SER A 3 -7.85 -6.07 -19.50
C SER A 3 -7.92 -5.77 -18.01
N GLY A 4 -8.06 -4.50 -17.67
CA GLY A 4 -8.13 -4.10 -16.28
C GLY A 4 -8.29 -2.60 -16.11
N SER A 5 -7.17 -1.90 -15.93
CA SER A 5 -7.19 -0.46 -15.75
C SER A 5 -8.14 -0.06 -14.63
N SER A 6 -8.11 -0.81 -13.54
CA SER A 6 -8.97 -0.55 -12.40
C SER A 6 -8.22 0.23 -11.31
N GLY A 7 -6.99 -0.18 -11.06
CA GLY A 7 -6.18 0.49 -10.05
C GLY A 7 -6.55 0.07 -8.64
N GLN A 8 -6.74 -1.23 -8.45
CA GLN A 8 -7.11 -1.76 -7.14
C GLN A 8 -5.86 -2.08 -6.32
N CYS A 9 -6.08 -2.55 -5.09
CA CYS A 9 -4.98 -2.89 -4.19
C CYS A 9 -4.00 -3.84 -4.89
N GLY A 10 -2.72 -3.50 -4.82
CA GLY A 10 -1.69 -4.34 -5.43
C GLY A 10 -1.51 -5.65 -4.70
N ALA A 11 -1.52 -5.60 -3.38
CA ALA A 11 -1.34 -6.80 -2.56
C ALA A 11 -2.34 -7.88 -2.96
N CYS A 12 -3.62 -7.58 -2.85
CA CYS A 12 -4.67 -8.53 -3.20
C CYS A 12 -5.54 -7.99 -4.32
N GLY A 13 -5.94 -6.73 -4.19
CA GLY A 13 -6.78 -6.11 -5.20
C GLY A 13 -8.26 -6.37 -4.98
N GLU A 14 -8.70 -6.25 -3.73
CA GLU A 14 -10.10 -6.47 -3.39
C GLU A 14 -10.97 -5.33 -3.91
N SER A 15 -12.28 -5.51 -3.79
CA SER A 15 -13.24 -4.51 -4.26
C SER A 15 -13.10 -3.22 -3.45
N TYR A 16 -13.58 -2.12 -4.00
CA TYR A 16 -13.51 -0.83 -3.34
C TYR A 16 -14.22 -0.88 -1.98
N ALA A 17 -13.45 -1.08 -0.92
CA ALA A 17 -13.99 -1.14 0.43
C ALA A 17 -13.85 0.19 1.15
N ALA A 18 -14.96 0.69 1.67
CA ALA A 18 -14.96 1.97 2.39
C ALA A 18 -14.45 1.79 3.82
N ASP A 19 -14.96 0.78 4.51
CA ASP A 19 -14.56 0.51 5.88
C ASP A 19 -13.24 -0.25 5.92
N GLU A 20 -12.16 0.44 5.55
CA GLU A 20 -10.84 -0.16 5.54
C GLU A 20 -9.75 0.91 5.69
N PHE A 21 -8.59 0.49 6.19
CA PHE A 21 -7.47 1.41 6.38
C PHE A 21 -6.44 1.25 5.28
N TRP A 22 -6.11 2.36 4.61
CA TRP A 22 -5.13 2.33 3.52
C TRP A 22 -3.78 2.84 4.01
N ILE A 23 -2.71 2.42 3.34
CA ILE A 23 -1.37 2.84 3.70
C ILE A 23 -0.78 3.78 2.65
N CYS A 24 0.12 4.65 3.08
CA CYS A 24 0.76 5.61 2.18
C CYS A 24 2.24 5.30 2.03
N CYS A 25 2.69 5.16 0.78
CA CYS A 25 4.08 4.87 0.49
C CYS A 25 4.83 6.13 0.08
N ASP A 26 6.16 6.07 0.16
CA ASP A 26 6.99 7.21 -0.19
C ASP A 26 7.65 7.00 -1.55
N LEU A 27 8.06 5.77 -1.82
CA LEU A 27 8.71 5.44 -3.09
C LEU A 27 7.72 5.55 -4.24
N CYS A 28 6.82 4.57 -4.34
CA CYS A 28 5.82 4.56 -5.41
C CYS A 28 4.60 5.38 -5.01
N GLU A 29 4.28 5.38 -3.71
CA GLU A 29 3.13 6.12 -3.21
C GLU A 29 1.83 5.59 -3.78
N MET A 30 1.69 4.26 -3.76
CA MET A 30 0.48 3.61 -4.28
C MET A 30 -0.55 3.43 -3.18
N TRP A 31 -1.65 2.78 -3.52
CA TRP A 31 -2.72 2.52 -2.56
C TRP A 31 -2.77 1.06 -2.17
N PHE A 32 -2.82 0.79 -0.86
CA PHE A 32 -2.86 -0.58 -0.36
C PHE A 32 -3.68 -0.65 0.93
N HIS A 33 -3.81 -1.87 1.46
CA HIS A 33 -4.57 -2.07 2.68
C HIS A 33 -3.64 -2.37 3.86
N GLY A 34 -3.78 -1.59 4.93
CA GLY A 34 -2.94 -1.78 6.10
C GLY A 34 -2.67 -3.24 6.38
N LYS A 35 -3.73 -4.04 6.46
CA LYS A 35 -3.60 -5.47 6.73
C LYS A 35 -2.83 -6.16 5.62
N CYS A 36 -2.98 -5.66 4.40
CA CYS A 36 -2.30 -6.23 3.24
C CYS A 36 -0.81 -5.92 3.29
N VAL A 37 -0.47 -4.68 3.64
CA VAL A 37 0.93 -4.26 3.72
C VAL A 37 1.56 -4.72 5.03
N LYS A 38 0.88 -5.63 5.73
CA LYS A 38 1.38 -6.15 6.98
C LYS A 38 1.59 -5.03 8.00
N ILE A 39 0.57 -4.18 8.15
CA ILE A 39 0.65 -3.07 9.09
C ILE A 39 -0.70 -2.82 9.75
N THR A 40 -0.80 -3.18 11.03
CA THR A 40 -2.04 -3.01 11.77
C THR A 40 -2.50 -1.55 11.74
N PRO A 41 -3.82 -1.34 11.90
CA PRO A 41 -4.40 0.01 11.90
C PRO A 41 -4.02 0.81 13.14
N ALA A 42 -3.42 0.14 14.11
CA ALA A 42 -3.01 0.79 15.35
C ALA A 42 -1.55 1.22 15.27
N ARG A 43 -0.70 0.34 14.73
CA ARG A 43 0.72 0.63 14.62
C ARG A 43 0.96 1.75 13.60
N ALA A 44 0.22 1.71 12.50
CA ALA A 44 0.36 2.72 11.46
C ALA A 44 0.50 4.12 12.05
N GLU A 45 -0.19 4.35 13.16
CA GLU A 45 -0.14 5.65 13.83
C GLU A 45 1.30 6.07 14.08
N HIS A 46 2.13 5.13 14.50
CA HIS A 46 3.54 5.41 14.78
C HIS A 46 4.35 5.43 13.48
N ILE A 47 3.94 4.60 12.53
CA ILE A 47 4.63 4.51 11.25
C ILE A 47 4.35 5.74 10.40
N LYS A 48 5.42 6.38 9.92
CA LYS A 48 5.30 7.57 9.09
C LYS A 48 5.53 7.23 7.62
N GLN A 49 6.78 6.88 7.30
CA GLN A 49 7.14 6.53 5.93
C GLN A 49 7.52 5.05 5.82
N TYR A 50 6.54 4.22 5.50
CA TYR A 50 6.78 2.78 5.37
C TYR A 50 7.01 2.40 3.91
N LYS A 51 7.78 1.34 3.71
CA LYS A 51 8.08 0.87 2.36
C LYS A 51 7.10 -0.22 1.93
N CYS A 52 6.06 0.17 1.21
CA CYS A 52 5.06 -0.77 0.74
C CYS A 52 5.70 -2.11 0.36
N PRO A 53 4.88 -3.18 0.39
CA PRO A 53 5.35 -4.52 0.05
C PRO A 53 5.66 -4.68 -1.44
N SER A 54 5.36 -3.63 -2.20
CA SER A 54 5.61 -3.65 -3.65
C SER A 54 6.96 -3.02 -3.97
N CYS A 55 7.46 -2.19 -3.06
CA CYS A 55 8.74 -1.53 -3.25
C CYS A 55 9.87 -2.33 -2.61
N SER A 56 9.73 -2.62 -1.33
CA SER A 56 10.73 -3.38 -0.60
C SER A 56 11.13 -4.65 -1.37
N ASN A 57 10.28 -5.04 -2.31
CA ASN A 57 10.53 -6.23 -3.12
C ASN A 57 11.48 -5.91 -4.27
N LYS A 58 12.31 -4.89 -4.09
CA LYS A 58 13.26 -4.49 -5.12
C LYS A 58 14.69 -4.66 -4.63
N SER A 59 15.65 -4.44 -5.52
CA SER A 59 17.06 -4.58 -5.19
C SER A 59 17.68 -3.23 -4.86
N GLY A 60 17.58 -2.83 -3.59
CA GLY A 60 18.13 -1.55 -3.16
C GLY A 60 19.55 -1.68 -2.65
N PRO A 61 20.21 -0.53 -2.46
CA PRO A 61 21.59 -0.49 -1.96
C PRO A 61 21.69 -0.90 -0.50
N SER A 62 22.67 -1.76 -0.20
CA SER A 62 22.87 -2.24 1.15
C SER A 62 22.70 -1.11 2.16
N SER A 63 22.05 -1.41 3.28
CA SER A 63 21.81 -0.41 4.32
C SER A 63 22.54 -0.79 5.61
N GLY A 64 23.77 -1.25 5.46
CA GLY A 64 24.56 -1.64 6.62
C GLY A 64 25.61 -0.61 6.97
ZN ZN B . -5.46 -5.67 -0.47
ZN ZN C . 5.75 1.79 -2.77
#